data_2WOJ
#
_entry.id   2WOJ
#
_cell.length_a   53.612
_cell.length_b   82.628
_cell.length_c   167.282
_cell.angle_alpha   90.00
_cell.angle_beta   98.28
_cell.angle_gamma   90.00
#
_symmetry.space_group_name_H-M   'P 1 21 1'
#
loop_
_entity.id
_entity.type
_entity.pdbx_description
1 polymer 'ATPASE GET3'
2 non-polymer "ADENOSINE-5'-DIPHOSPHATE"
3 non-polymer 'TETRAFLUOROALUMINATE ION'
4 non-polymer 'MAGNESIUM ION'
5 non-polymer 'ZINC ION'
6 water water
#
_entity_poly.entity_id   1
_entity_poly.type   'polypeptide(L)'
_entity_poly.pdbx_seq_one_letter_code
;MDLTVEPNLHSLITSTTHKWIFVGGKGGVGKTTSSCSIAIQMALSQPNKQFLLISTDPAHNLSDAFGEKFGKDARKVTGM
NNLSCMEIDPSAALKDMNDMAVSRANNNGSDGQGDDLGSLLQGGALADLTGSIPGIDEALSFMEVMKHIKRQEQGEGETF
DTVIFDTAPTGHTLRFLQLPNTLSKLLEKFGEITNKLGPMLNSFMGAGNVDISGKLNELKANVETIRQQFTDPDLTTFVC
VCISEFLSLYETERLIQELISYDMDVNSIIVNQLLFAENDQEHNCKRCQARWKMQKKYLDQIDELYEDFHVVKMPLCAGE
IRGLNNLTKFSQFLNKEYNPITDGKVIYELEDKE
;
_entity_poly.pdbx_strand_id   A,B,C,D
#
# COMPACT_ATOMS: atom_id res chain seq x y z
N VAL A 5 -20.04 21.44 22.74
CA VAL A 5 -19.75 20.03 22.56
C VAL A 5 -20.80 19.13 23.22
N GLU A 6 -21.69 18.56 22.41
CA GLU A 6 -22.79 17.73 22.88
C GLU A 6 -22.35 16.58 23.83
N PRO A 7 -22.98 16.46 25.01
CA PRO A 7 -22.64 15.46 26.04
C PRO A 7 -23.22 14.09 25.69
N ASN A 8 -23.06 13.68 24.44
CA ASN A 8 -23.66 12.44 23.96
C ASN A 8 -22.98 11.97 22.68
N LEU A 9 -23.30 10.77 22.24
CA LEU A 9 -22.69 10.23 21.03
C LEU A 9 -23.63 10.25 19.84
N HIS A 10 -24.63 11.11 19.88
CA HIS A 10 -25.57 11.18 18.77
C HIS A 10 -24.88 11.33 17.41
N SER A 11 -23.85 12.16 17.33
CA SER A 11 -23.14 12.39 16.07
C SER A 11 -22.54 11.12 15.46
N LEU A 12 -21.90 10.35 16.32
CA LEU A 12 -21.27 9.12 15.90
C LEU A 12 -22.35 8.10 15.52
N ILE A 13 -23.35 7.95 16.39
CA ILE A 13 -24.41 6.99 16.17
C ILE A 13 -25.09 7.17 14.79
N THR A 14 -25.14 8.41 14.31
CA THR A 14 -25.88 8.71 13.07
C THR A 14 -24.91 9.03 11.95
N SER A 15 -23.64 8.73 12.19
CA SER A 15 -22.61 9.00 11.20
C SER A 15 -22.88 8.17 9.96
N THR A 16 -22.69 8.77 8.79
CA THR A 16 -22.82 8.03 7.54
C THR A 16 -21.45 7.71 6.93
N THR A 17 -20.37 8.09 7.62
CA THR A 17 -19.04 7.91 7.03
C THR A 17 -18.14 6.94 7.79
N HIS A 18 -18.47 6.65 9.04
CA HIS A 18 -17.58 5.81 9.86
C HIS A 18 -17.60 4.33 9.51
N LYS A 19 -16.41 3.79 9.31
CA LYS A 19 -16.21 2.39 8.94
C LYS A 19 -15.65 1.59 10.10
N TRP A 20 -14.82 2.23 10.91
CA TRP A 20 -14.14 1.51 11.99
C TRP A 20 -14.28 2.27 13.28
N ILE A 21 -14.93 1.66 14.26
CA ILE A 21 -15.13 2.32 15.55
C ILE A 21 -14.58 1.49 16.70
N PHE A 22 -13.58 2.03 17.39
CA PHE A 22 -12.94 1.34 18.50
C PHE A 22 -13.46 1.84 19.84
N VAL A 23 -13.73 0.91 20.75
CA VAL A 23 -14.21 1.27 22.09
C VAL A 23 -13.18 0.68 23.04
N GLY A 24 -12.49 1.54 23.78
CA GLY A 24 -11.36 1.11 24.55
C GLY A 24 -11.26 1.84 25.88
N GLY A 25 -10.27 1.42 26.68
CA GLY A 25 -10.07 1.91 28.03
C GLY A 25 -9.56 0.87 29.01
N LYS A 26 -9.45 1.27 30.26
CA LYS A 26 -8.98 0.41 31.34
C LYS A 26 -9.89 -0.81 31.51
N GLY A 27 -9.40 -1.86 32.16
CA GLY A 27 -10.21 -3.04 32.40
C GLY A 27 -11.41 -2.74 33.31
N GLY A 28 -12.53 -3.42 33.02
CA GLY A 28 -13.72 -3.41 33.88
C GLY A 28 -14.52 -2.10 33.86
N VAL A 29 -14.12 -1.11 33.06
CA VAL A 29 -14.85 0.17 33.03
C VAL A 29 -16.20 0.15 32.30
N GLY A 30 -16.38 -0.79 31.37
CA GLY A 30 -17.60 -0.90 30.57
C GLY A 30 -17.40 -0.84 29.04
N LYS A 31 -16.23 -1.26 28.57
CA LYS A 31 -15.98 -1.35 27.13
C LYS A 31 -16.98 -2.24 26.43
N THR A 32 -17.16 -3.45 26.93
CA THR A 32 -18.03 -4.37 26.25
C THR A 32 -19.51 -3.88 26.33
N THR A 33 -19.93 -3.42 27.50
CA THR A 33 -21.28 -2.86 27.68
C THR A 33 -21.52 -1.68 26.74
N SER A 34 -20.55 -0.78 26.63
CA SER A 34 -20.65 0.42 25.83
C SER A 34 -20.59 0.12 24.34
N SER A 35 -19.76 -0.84 23.95
CA SER A 35 -19.62 -1.15 22.54
C SER A 35 -20.88 -1.90 22.06
N CYS A 36 -21.46 -2.75 22.90
CA CYS A 36 -22.73 -3.37 22.56
C CYS A 36 -23.81 -2.27 22.40
N SER A 37 -23.77 -1.28 23.31
CA SER A 37 -24.75 -0.18 23.30
C SER A 37 -24.64 0.67 22.07
N ILE A 38 -23.41 1.01 21.71
CA ILE A 38 -23.16 1.76 20.50
C ILE A 38 -23.59 0.98 19.25
N ALA A 39 -23.29 -0.31 19.21
CA ALA A 39 -23.66 -1.11 18.05
C ALA A 39 -25.17 -1.20 17.89
N ILE A 40 -25.88 -1.39 19.00
CA ILE A 40 -27.33 -1.45 18.98
C ILE A 40 -27.88 -0.11 18.49
N GLN A 41 -27.39 0.98 19.09
CA GLN A 41 -27.88 2.31 18.68
C GLN A 41 -27.65 2.60 17.20
N MET A 42 -26.48 2.23 16.70
CA MET A 42 -26.24 2.44 15.29
C MET A 42 -27.14 1.60 14.40
N ALA A 43 -27.38 0.36 14.79
CA ALA A 43 -28.19 -0.56 14.01
C ALA A 43 -29.66 -0.14 13.97
N LEU A 44 -30.17 0.34 15.11
CA LEU A 44 -31.56 0.84 15.15
C LEU A 44 -31.70 2.15 14.37
N SER A 45 -30.69 3.00 14.51
CA SER A 45 -30.71 4.31 13.88
C SER A 45 -30.44 4.25 12.36
N GLN A 46 -29.77 3.18 11.93
CA GLN A 46 -29.48 3.01 10.50
C GLN A 46 -29.87 1.62 9.95
N PRO A 47 -31.17 1.39 9.78
CA PRO A 47 -31.79 0.11 9.41
C PRO A 47 -31.28 -0.45 8.08
N ASN A 48 -30.85 0.42 7.18
CA ASN A 48 -30.39 0.03 5.86
C ASN A 48 -28.93 -0.44 5.83
N LYS A 49 -28.21 -0.22 6.91
CA LYS A 49 -26.80 -0.59 6.96
C LYS A 49 -26.56 -1.86 7.82
N GLN A 50 -25.48 -2.57 7.53
CA GLN A 50 -25.12 -3.76 8.30
C GLN A 50 -23.90 -3.49 9.20
N PHE A 51 -24.03 -3.87 10.46
CA PHE A 51 -23.03 -3.60 11.49
C PHE A 51 -22.46 -4.93 12.03
N LEU A 52 -21.15 -4.93 12.25
CA LEU A 52 -20.50 -6.05 12.93
C LEU A 52 -19.82 -5.55 14.21
N LEU A 53 -20.11 -6.22 15.32
CA LEU A 53 -19.43 -5.98 16.61
C LEU A 53 -18.42 -7.12 16.82
N ILE A 54 -17.13 -6.82 16.72
CA ILE A 54 -16.09 -7.81 16.96
C ILE A 54 -15.31 -7.57 18.27
N SER A 55 -15.17 -8.62 19.08
CA SER A 55 -14.40 -8.53 20.31
C SER A 55 -12.96 -8.89 20.00
N THR A 56 -12.04 -7.99 20.32
CA THR A 56 -10.64 -8.30 20.16
C THR A 56 -10.00 -8.52 21.52
N ASP A 57 -10.83 -8.67 22.56
CA ASP A 57 -10.37 -9.10 23.88
C ASP A 57 -10.28 -10.62 23.87
N PRO A 58 -9.07 -11.18 24.03
CA PRO A 58 -8.94 -12.66 24.00
C PRO A 58 -9.82 -13.34 25.04
N ALA A 59 -10.14 -12.64 26.13
CA ALA A 59 -11.13 -13.16 27.06
C ALA A 59 -12.43 -12.51 26.64
N HIS A 60 -13.10 -13.11 25.64
CA HIS A 60 -14.30 -12.52 25.04
C HIS A 60 -15.47 -12.48 26.03
N ASN A 61 -16.29 -11.43 25.94
CA ASN A 61 -17.50 -11.37 26.76
C ASN A 61 -18.76 -10.98 25.99
N LEU A 62 -18.73 -11.00 24.64
CA LEU A 62 -19.92 -10.62 23.87
C LEU A 62 -20.98 -11.72 24.02
N SER A 63 -20.55 -12.98 24.01
CA SER A 63 -21.50 -14.09 24.23
C SER A 63 -22.11 -14.01 25.61
N ASP A 64 -21.29 -13.66 26.59
CA ASP A 64 -21.74 -13.52 27.96
C ASP A 64 -22.77 -12.38 28.06
N ALA A 65 -22.49 -11.25 27.41
CA ALA A 65 -23.35 -10.06 27.49
C ALA A 65 -24.73 -10.28 26.80
N PHE A 66 -24.75 -10.90 25.63
CA PHE A 66 -26.01 -11.15 24.92
C PHE A 66 -26.72 -12.41 25.36
N GLY A 67 -26.01 -13.38 25.91
CA GLY A 67 -26.65 -14.63 26.25
C GLY A 67 -26.88 -15.51 25.03
N GLU A 68 -26.04 -15.33 24.01
CA GLU A 68 -25.99 -16.27 22.90
C GLU A 68 -24.54 -16.52 22.43
N LYS A 69 -24.30 -17.65 21.79
CA LYS A 69 -22.92 -18.10 21.52
C LYS A 69 -22.38 -17.57 20.19
N PHE A 70 -21.41 -16.68 20.26
CA PHE A 70 -20.77 -16.15 19.05
C PHE A 70 -19.46 -16.92 18.78
N GLY A 71 -18.78 -16.63 17.69
CA GLY A 71 -17.62 -17.43 17.29
C GLY A 71 -16.83 -16.74 16.21
N LYS A 72 -15.98 -17.47 15.50
CA LYS A 72 -15.14 -16.82 14.48
C LYS A 72 -15.91 -16.40 13.25
N ASP A 73 -17.04 -17.05 12.97
CA ASP A 73 -17.89 -16.65 11.85
C ASP A 73 -19.01 -15.80 12.40
N ALA A 74 -19.24 -14.64 11.78
CA ALA A 74 -20.19 -13.69 12.31
C ALA A 74 -21.59 -14.30 12.40
N ARG A 75 -22.34 -13.94 13.44
CA ARG A 75 -23.72 -14.41 13.60
C ARG A 75 -24.60 -13.23 14.00
N LYS A 76 -25.81 -13.18 13.45
CA LYS A 76 -26.75 -12.10 13.70
C LYS A 76 -27.11 -12.15 15.18
N VAL A 77 -27.19 -11.01 15.84
CA VAL A 77 -27.73 -10.98 17.19
C VAL A 77 -29.24 -11.29 17.15
N THR A 78 -29.68 -12.26 17.95
CA THR A 78 -31.09 -12.65 17.93
C THR A 78 -31.95 -11.46 18.33
N GLY A 79 -32.88 -11.07 17.47
CA GLY A 79 -33.71 -9.91 17.74
C GLY A 79 -33.35 -8.72 16.86
N MET A 80 -32.17 -8.77 16.23
CA MET A 80 -31.77 -7.69 15.33
C MET A 80 -31.71 -8.18 13.89
N ASN A 81 -32.05 -7.31 12.96
CA ASN A 81 -31.97 -7.62 11.54
C ASN A 81 -30.58 -7.31 10.95
N ASN A 82 -29.89 -6.34 11.55
CA ASN A 82 -28.68 -5.78 10.95
C ASN A 82 -27.50 -5.60 11.91
N LEU A 83 -27.53 -6.34 13.02
CA LEU A 83 -26.36 -6.39 13.93
C LEU A 83 -25.86 -7.83 14.11
N SER A 84 -24.55 -8.03 13.96
CA SER A 84 -23.92 -9.34 14.05
C SER A 84 -22.74 -9.22 15.06
N CYS A 85 -22.35 -10.32 15.71
CA CYS A 85 -21.12 -10.32 16.53
C CYS A 85 -20.10 -11.38 16.10
N MET A 86 -18.85 -11.21 16.53
CA MET A 86 -17.78 -12.12 16.19
C MET A 86 -16.80 -12.18 17.38
N GLU A 87 -16.41 -13.38 17.76
CA GLU A 87 -15.35 -13.56 18.79
C GLU A 87 -14.40 -14.56 18.20
N ILE A 88 -13.27 -14.09 17.71
CA ILE A 88 -12.32 -15.02 17.11
C ILE A 88 -11.68 -15.91 18.15
N ASP A 89 -11.66 -17.21 17.86
CA ASP A 89 -10.89 -18.20 18.59
C ASP A 89 -9.64 -18.56 17.78
N PRO A 90 -8.49 -17.98 18.15
CA PRO A 90 -7.24 -18.15 17.41
C PRO A 90 -6.93 -19.59 17.06
N SER A 91 -7.08 -20.51 18.01
CA SER A 91 -6.71 -21.90 17.71
C SER A 91 -7.61 -22.52 16.64
N ALA A 92 -8.92 -22.34 16.79
CA ALA A 92 -9.87 -22.86 15.82
C ALA A 92 -9.70 -22.15 14.48
N ALA A 93 -9.35 -20.87 14.54
CA ALA A 93 -9.14 -20.13 13.30
C ALA A 93 -7.93 -20.68 12.52
N LEU A 94 -6.81 -20.91 13.21
CA LEU A 94 -5.61 -21.50 12.60
C LEU A 94 -5.81 -22.94 12.13
N LYS A 95 -6.48 -23.75 12.96
CA LYS A 95 -6.78 -25.12 12.54
C LYS A 95 -7.47 -25.10 11.18
N ASP A 96 -8.46 -24.23 11.04
CA ASP A 96 -9.20 -24.11 9.78
C ASP A 96 -8.34 -23.61 8.61
N MET A 97 -7.44 -22.64 8.82
CA MET A 97 -6.52 -22.25 7.76
C MET A 97 -5.64 -23.44 7.42
N ASN A 98 -5.20 -24.16 8.45
CA ASN A 98 -4.33 -25.32 8.25
C ASN A 98 -5.06 -26.41 7.47
N ASP A 99 -6.36 -26.54 7.72
CA ASP A 99 -7.22 -27.46 6.97
C ASP A 99 -7.60 -26.86 5.62
N MET A 100 -6.63 -26.25 4.93
CA MET A 100 -6.88 -25.66 3.62
C MET A 100 -5.56 -25.39 2.88
N LEU A 121 4.05 -28.80 5.78
CA LEU A 121 4.57 -29.30 7.05
C LEU A 121 3.48 -29.34 8.13
N GLN A 122 2.40 -30.06 7.85
CA GLN A 122 1.27 -30.11 8.77
C GLN A 122 0.65 -31.48 9.06
N GLY A 123 0.73 -31.88 10.32
CA GLY A 123 -0.22 -32.80 10.93
C GLY A 123 -1.02 -31.93 11.90
N GLY A 124 -1.03 -30.63 11.64
CA GLY A 124 -1.77 -29.68 12.46
C GLY A 124 -1.03 -29.22 13.72
N ALA A 125 0.21 -29.67 13.89
CA ALA A 125 0.96 -29.37 15.11
C ALA A 125 1.50 -27.94 15.14
N LEU A 126 2.08 -27.48 14.03
CA LEU A 126 2.58 -26.11 13.97
C LEU A 126 1.49 -25.06 14.15
N ALA A 127 0.30 -25.32 13.64
CA ALA A 127 -0.80 -24.36 13.78
C ALA A 127 -1.28 -24.30 15.22
N ASP A 128 -1.30 -25.44 15.90
CA ASP A 128 -1.72 -25.42 17.29
C ASP A 128 -0.71 -24.67 18.15
N LEU A 129 0.58 -24.89 17.87
CA LEU A 129 1.66 -24.17 18.56
C LEU A 129 1.49 -22.67 18.36
N THR A 130 1.34 -22.26 17.10
CA THR A 130 1.19 -20.86 16.72
C THR A 130 0.03 -20.20 17.45
N GLY A 131 -1.03 -20.98 17.65
CA GLY A 131 -2.19 -20.45 18.35
C GLY A 131 -1.94 -20.21 19.84
N SER A 132 -0.75 -20.56 20.34
CA SER A 132 -0.46 -20.30 21.75
C SER A 132 0.68 -19.30 21.93
N ILE A 133 0.92 -18.47 20.92
CA ILE A 133 2.03 -17.53 21.00
C ILE A 133 1.49 -16.16 21.35
N PRO A 134 2.05 -15.52 22.37
CA PRO A 134 1.65 -14.16 22.75
C PRO A 134 1.67 -13.23 21.52
N GLY A 135 0.65 -12.42 21.35
CA GLY A 135 0.53 -11.61 20.14
C GLY A 135 -0.36 -12.22 19.07
N ILE A 136 -0.59 -13.54 19.13
CA ILE A 136 -1.42 -14.21 18.13
C ILE A 136 -2.83 -13.63 18.07
N ASP A 137 -3.41 -13.25 19.23
CA ASP A 137 -4.76 -12.69 19.26
C ASP A 137 -4.86 -11.40 18.43
N GLU A 138 -3.86 -10.55 18.57
CA GLU A 138 -3.79 -9.31 17.82
C GLU A 138 -3.56 -9.61 16.34
N ALA A 139 -2.70 -10.58 16.02
CA ALA A 139 -2.49 -10.90 14.62
C ALA A 139 -3.79 -11.37 13.95
N LEU A 140 -4.57 -12.22 14.62
CA LEU A 140 -5.79 -12.72 14.01
C LEU A 140 -6.87 -11.66 13.89
N SER A 141 -6.97 -10.78 14.89
CA SER A 141 -7.92 -9.68 14.84
C SER A 141 -7.57 -8.85 13.63
N PHE A 142 -6.28 -8.58 13.47
CA PHE A 142 -5.85 -7.77 12.37
C PHE A 142 -6.12 -8.45 11.02
N MET A 143 -5.94 -9.76 10.95
CA MET A 143 -6.18 -10.51 9.72
C MET A 143 -7.66 -10.43 9.32
N GLU A 144 -8.53 -10.38 10.31
CA GLU A 144 -9.94 -10.23 10.05
C GLU A 144 -10.18 -8.85 9.41
N VAL A 145 -9.53 -7.82 9.93
CA VAL A 145 -9.63 -6.49 9.31
C VAL A 145 -9.16 -6.52 7.85
N MET A 146 -8.06 -7.24 7.64
CA MET A 146 -7.47 -7.38 6.32
C MET A 146 -8.38 -8.13 5.33
N LYS A 147 -9.14 -9.10 5.85
CA LYS A 147 -10.01 -9.91 5.01
C LYS A 147 -11.08 -9.03 4.34
N HIS A 148 -11.61 -8.10 5.11
CA HIS A 148 -12.63 -7.17 4.62
C HIS A 148 -12.05 -6.24 3.56
N ILE A 149 -10.93 -5.59 3.88
CA ILE A 149 -10.18 -4.80 2.90
C ILE A 149 -9.98 -5.58 1.60
N LYS A 150 -9.39 -6.77 1.71
CA LYS A 150 -9.07 -7.63 0.58
C LYS A 150 -10.25 -7.94 -0.33
N ARG A 151 -11.39 -8.21 0.29
CA ARG A 151 -12.60 -8.54 -0.44
C ARG A 151 -13.10 -7.38 -1.29
N GLN A 152 -13.15 -6.17 -0.72
CA GLN A 152 -13.50 -4.99 -1.50
C GLN A 152 -12.59 -4.87 -2.73
N GLU A 153 -11.29 -4.68 -2.47
CA GLU A 153 -10.29 -4.64 -3.55
C GLU A 153 -10.56 -5.71 -4.61
N GLN A 154 -10.94 -6.91 -4.16
CA GLN A 154 -11.08 -8.06 -5.05
C GLN A 154 -12.35 -8.04 -5.90
N GLY A 155 -13.25 -7.10 -5.60
CA GLY A 155 -14.52 -7.02 -6.32
C GLY A 155 -15.53 -8.02 -5.80
N GLU A 156 -15.24 -8.60 -4.64
CA GLU A 156 -16.18 -9.52 -3.99
C GLU A 156 -17.20 -8.69 -3.24
N GLY A 157 -16.90 -7.39 -3.10
CA GLY A 157 -17.80 -6.49 -2.41
C GLY A 157 -17.58 -6.45 -0.91
N GLU A 158 -18.67 -6.15 -0.19
CA GLU A 158 -18.56 -5.82 1.21
C GLU A 158 -19.72 -6.42 1.96
N THR A 159 -19.43 -7.07 3.08
CA THR A 159 -20.50 -7.67 3.87
C THR A 159 -21.00 -6.71 4.96
N PHE A 160 -20.09 -5.97 5.60
CA PHE A 160 -20.48 -5.01 6.63
C PHE A 160 -20.14 -3.57 6.26
N ASP A 161 -21.03 -2.66 6.60
CA ASP A 161 -20.81 -1.24 6.37
C ASP A 161 -19.93 -0.62 7.46
N THR A 162 -20.15 -1.03 8.69
CA THR A 162 -19.37 -0.51 9.81
C THR A 162 -18.96 -1.62 10.75
N VAL A 163 -17.71 -1.56 11.21
CA VAL A 163 -17.28 -2.49 12.24
C VAL A 163 -16.98 -1.77 13.52
N ILE A 164 -17.57 -2.27 14.62
CA ILE A 164 -17.30 -1.73 15.95
C ILE A 164 -16.43 -2.76 16.69
N PHE A 165 -15.35 -2.29 17.32
CA PHE A 165 -14.42 -3.20 18.02
C PHE A 165 -14.57 -3.06 19.52
N ASP A 166 -14.94 -4.16 20.19
CA ASP A 166 -14.98 -4.18 21.64
C ASP A 166 -13.56 -4.66 22.02
N THR A 167 -12.72 -3.75 22.49
CA THR A 167 -11.29 -4.06 22.56
C THR A 167 -10.85 -4.63 23.92
N ALA A 168 -9.68 -5.25 23.93
CA ALA A 168 -8.98 -5.61 25.16
C ALA A 168 -8.66 -4.35 25.95
N PRO A 169 -8.34 -4.52 27.24
CA PRO A 169 -7.95 -3.32 27.99
C PRO A 169 -6.72 -2.63 27.41
N THR A 170 -6.60 -1.37 27.78
CA THR A 170 -5.64 -0.43 27.21
C THR A 170 -4.31 -0.95 26.65
N GLY A 171 -3.52 -1.61 27.50
CA GLY A 171 -2.14 -1.89 27.14
C GLY A 171 -2.02 -2.68 25.86
N HIS A 172 -2.88 -3.68 25.69
CA HIS A 172 -2.76 -4.56 24.53
C HIS A 172 -3.48 -4.01 23.30
N THR A 173 -4.42 -3.12 23.54
CA THR A 173 -5.09 -2.46 22.43
C THR A 173 -4.19 -1.47 21.73
N LEU A 174 -3.29 -0.82 22.48
CA LEU A 174 -2.31 0.03 21.85
C LEU A 174 -1.41 -0.80 20.93
N ARG A 175 -1.11 -2.03 21.33
CA ARG A 175 -0.29 -2.88 20.48
C ARG A 175 -1.00 -3.22 19.20
N PHE A 176 -2.27 -3.59 19.29
CA PHE A 176 -3.08 -3.79 18.09
C PHE A 176 -3.11 -2.56 17.17
N LEU A 177 -3.35 -1.37 17.72
CA LEU A 177 -3.41 -0.15 16.90
C LEU A 177 -2.07 0.27 16.32
N GLN A 178 -0.98 -0.31 16.80
CA GLN A 178 0.36 -0.01 16.28
C GLN A 178 0.72 -0.98 15.17
N LEU A 179 -0.11 -2.00 15.00
CA LEU A 179 0.22 -3.11 14.11
C LEU A 179 0.28 -2.73 12.62
N PRO A 180 -0.57 -1.79 12.18
CA PRO A 180 -0.41 -1.42 10.76
C PRO A 180 0.96 -0.79 10.45
N ASN A 181 1.38 0.14 11.31
CA ASN A 181 2.72 0.77 11.28
C ASN A 181 3.88 -0.22 11.51
N THR A 182 3.72 -1.13 12.46
CA THR A 182 4.77 -2.11 12.71
C THR A 182 4.86 -3.09 11.54
N LEU A 183 3.71 -3.58 11.11
CA LEU A 183 3.63 -4.57 10.03
C LEU A 183 4.21 -3.93 8.77
N SER A 184 4.00 -2.63 8.64
CA SER A 184 4.46 -1.85 7.52
C SER A 184 5.99 -1.74 7.50
N LYS A 185 6.57 -1.22 8.58
CA LYS A 185 8.01 -0.97 8.63
C LYS A 185 8.79 -2.26 8.48
N LEU A 186 8.31 -3.31 9.14
CA LEU A 186 8.91 -4.63 9.04
C LEU A 186 8.85 -5.16 7.60
N LEU A 187 7.63 -5.29 7.09
CA LEU A 187 7.36 -5.88 5.78
C LEU A 187 8.30 -5.29 4.72
N GLU A 188 8.58 -4.00 4.87
CA GLU A 188 9.54 -3.35 4.00
C GLU A 188 10.96 -3.85 4.33
N LYS A 189 11.40 -3.57 5.54
CA LYS A 189 12.74 -3.97 5.98
C LYS A 189 12.78 -5.48 6.06
N PHE A 190 12.96 -6.09 4.90
CA PHE A 190 12.76 -7.52 4.76
C PHE A 190 13.59 -8.03 3.58
N ILE A 212 5.59 -15.46 -5.55
CA ILE A 212 5.33 -15.29 -4.12
C ILE A 212 5.65 -13.85 -3.69
N SER A 213 6.25 -13.11 -4.62
CA SER A 213 6.65 -11.73 -4.38
C SER A 213 5.40 -10.86 -4.43
N GLY A 214 4.47 -11.24 -5.28
CA GLY A 214 3.26 -10.47 -5.47
C GLY A 214 2.32 -10.56 -4.30
N LYS A 215 2.44 -11.61 -3.50
CA LYS A 215 1.54 -11.72 -2.37
C LYS A 215 2.06 -10.89 -1.20
N LEU A 216 3.37 -10.71 -1.14
CA LEU A 216 3.95 -9.76 -0.19
C LEU A 216 3.48 -8.34 -0.53
N ASN A 217 3.42 -8.04 -1.83
CA ASN A 217 2.95 -6.74 -2.33
C ASN A 217 1.49 -6.50 -1.98
N GLU A 218 0.66 -7.51 -2.23
CA GLU A 218 -0.78 -7.43 -1.94
C GLU A 218 -0.99 -7.21 -0.45
N LEU A 219 -0.13 -7.80 0.37
CA LEU A 219 -0.24 -7.67 1.82
C LEU A 219 0.19 -6.29 2.28
N LYS A 220 1.25 -5.78 1.67
CA LYS A 220 1.77 -4.45 1.98
C LYS A 220 0.72 -3.38 1.64
N ALA A 221 0.15 -3.48 0.45
CA ALA A 221 -0.97 -2.64 0.04
C ALA A 221 -2.14 -2.66 1.04
N ASN A 222 -2.59 -3.86 1.41
CA ASN A 222 -3.72 -4.00 2.32
C ASN A 222 -3.45 -3.35 3.67
N VAL A 223 -2.20 -3.41 4.12
CA VAL A 223 -1.82 -2.81 5.38
C VAL A 223 -1.84 -1.29 5.26
N GLU A 224 -1.31 -0.81 4.16
CA GLU A 224 -1.28 0.62 3.89
C GLU A 224 -2.68 1.18 3.83
N THR A 225 -3.62 0.41 3.30
CA THR A 225 -5.00 0.86 3.24
C THR A 225 -5.55 0.99 4.67
N ILE A 226 -5.28 0.00 5.51
CA ILE A 226 -5.74 0.07 6.91
C ILE A 226 -5.12 1.30 7.60
N ARG A 227 -3.84 1.51 7.37
CA ARG A 227 -3.12 2.59 8.03
C ARG A 227 -3.74 3.92 7.63
N GLN A 228 -4.07 4.06 6.34
CA GLN A 228 -4.73 5.27 5.88
C GLN A 228 -6.16 5.43 6.41
N GLN A 229 -6.92 4.34 6.48
CA GLN A 229 -8.28 4.41 6.96
C GLN A 229 -8.35 4.65 8.49
N PHE A 230 -7.46 4.02 9.27
CA PHE A 230 -7.50 4.16 10.72
C PHE A 230 -7.16 5.58 11.11
N THR A 231 -6.48 6.28 10.22
CA THR A 231 -5.94 7.58 10.54
C THR A 231 -6.74 8.72 9.86
N ASP A 232 -7.87 8.35 9.29
CA ASP A 232 -8.84 9.29 8.71
C ASP A 232 -10.01 9.51 9.70
N PRO A 233 -10.12 10.73 10.24
CA PRO A 233 -11.12 11.03 11.28
C PRO A 233 -12.58 10.77 10.87
N ASP A 234 -12.89 10.76 9.57
CA ASP A 234 -14.25 10.52 9.09
C ASP A 234 -14.56 9.02 8.98
N LEU A 235 -13.50 8.22 8.82
CA LEU A 235 -13.66 6.77 8.68
C LEU A 235 -13.47 6.05 10.01
N THR A 236 -12.53 6.50 10.84
CA THR A 236 -12.36 5.77 12.10
C THR A 236 -12.20 6.68 13.30
N THR A 237 -12.69 6.21 14.43
CA THR A 237 -12.59 6.96 15.67
C THR A 237 -12.46 6.00 16.83
N PHE A 238 -11.92 6.50 17.93
CA PHE A 238 -11.72 5.72 19.15
C PHE A 238 -12.56 6.34 20.29
N VAL A 239 -13.47 5.57 20.84
CA VAL A 239 -14.29 6.00 21.96
C VAL A 239 -13.68 5.47 23.25
N CYS A 240 -13.20 6.37 24.07
CA CYS A 240 -12.66 5.95 25.37
C CYS A 240 -13.79 5.75 26.38
N VAL A 241 -13.65 4.74 27.23
CA VAL A 241 -14.52 4.50 28.35
C VAL A 241 -13.68 4.56 29.62
N CYS A 242 -14.23 5.17 30.66
CA CYS A 242 -13.52 5.25 31.94
C CYS A 242 -14.49 5.25 33.12
N ILE A 243 -13.96 5.07 34.33
CA ILE A 243 -14.72 5.38 35.54
C ILE A 243 -14.08 6.58 36.21
N SER A 244 -14.81 7.26 37.09
CA SER A 244 -14.30 8.50 37.65
C SER A 244 -13.47 8.21 38.93
N GLU A 245 -12.29 7.61 38.72
CA GLU A 245 -11.38 7.26 39.81
C GLU A 245 -9.95 7.53 39.30
N PHE A 246 -9.01 7.78 40.22
CA PHE A 246 -7.65 8.10 39.86
C PHE A 246 -7.04 7.16 38.82
N LEU A 247 -7.10 5.85 39.10
CA LEU A 247 -6.37 4.88 38.27
C LEU A 247 -6.90 4.91 36.85
N SER A 248 -8.23 4.95 36.72
CA SER A 248 -8.84 5.00 35.39
C SER A 248 -8.59 6.32 34.71
N LEU A 249 -8.70 7.43 35.45
CA LEU A 249 -8.54 8.73 34.81
C LEU A 249 -7.12 8.90 34.27
N TYR A 250 -6.12 8.57 35.08
CA TYR A 250 -4.74 8.74 34.64
C TYR A 250 -4.38 7.78 33.53
N GLU A 251 -4.91 6.56 33.58
CA GLU A 251 -4.70 5.64 32.48
C GLU A 251 -5.34 6.14 31.19
N THR A 252 -6.56 6.63 31.30
CA THR A 252 -7.25 7.17 30.13
C THR A 252 -6.49 8.33 29.48
N GLU A 253 -5.92 9.22 30.28
CA GLU A 253 -5.19 10.35 29.72
C GLU A 253 -3.94 9.87 28.97
N ARG A 254 -3.28 8.85 29.51
CA ARG A 254 -2.09 8.32 28.85
C ARG A 254 -2.52 7.62 27.55
N LEU A 255 -3.60 6.85 27.61
CA LEU A 255 -4.14 6.23 26.39
C LEU A 255 -4.41 7.32 25.33
N ILE A 256 -5.17 8.34 25.71
CA ILE A 256 -5.50 9.41 24.76
C ILE A 256 -4.26 10.05 24.14
N GLN A 257 -3.23 10.35 24.95
CA GLN A 257 -1.99 10.91 24.38
C GLN A 257 -1.31 9.99 23.37
N GLU A 258 -1.35 8.68 23.59
CA GLU A 258 -0.78 7.75 22.63
C GLU A 258 -1.56 7.77 21.32
N LEU A 259 -2.89 7.76 21.43
CA LEU A 259 -3.72 7.69 20.22
C LEU A 259 -3.52 8.91 19.36
N ILE A 260 -3.40 10.08 19.99
CA ILE A 260 -3.12 11.30 19.26
C ILE A 260 -1.74 11.20 18.61
N SER A 261 -0.77 10.60 19.30
CA SER A 261 0.56 10.46 18.70
C SER A 261 0.53 9.46 17.55
N TYR A 262 -0.46 8.56 17.55
CA TYR A 262 -0.64 7.64 16.43
C TYR A 262 -1.47 8.28 15.31
N ASP A 263 -1.89 9.53 15.52
CA ASP A 263 -2.79 10.18 14.55
C ASP A 263 -4.11 9.45 14.40
N MET A 264 -4.62 8.91 15.49
CA MET A 264 -5.93 8.31 15.48
C MET A 264 -6.87 9.31 16.12
N ASP A 265 -8.07 9.45 15.56
CA ASP A 265 -9.05 10.39 16.08
C ASP A 265 -9.66 9.90 17.42
N VAL A 266 -9.61 10.73 18.45
CA VAL A 266 -10.40 10.47 19.64
C VAL A 266 -11.19 11.71 20.07
N ASN A 267 -12.50 11.56 20.17
CA ASN A 267 -13.37 12.72 20.32
C ASN A 267 -14.39 12.58 21.42
N SER A 268 -14.36 11.41 22.07
CA SER A 268 -15.48 10.91 22.87
C SER A 268 -14.97 10.18 24.08
N ILE A 269 -15.57 10.48 25.24
CA ILE A 269 -15.28 9.76 26.45
C ILE A 269 -16.58 9.44 27.17
N ILE A 270 -16.81 8.14 27.37
CA ILE A 270 -17.91 7.69 28.21
C ILE A 270 -17.39 7.56 29.65
N VAL A 271 -17.94 8.36 30.57
CA VAL A 271 -17.67 8.19 31.98
C VAL A 271 -18.79 7.33 32.56
N ASN A 272 -18.44 6.09 32.90
CA ASN A 272 -19.42 5.08 33.28
C ASN A 272 -19.51 4.87 34.80
N GLN A 273 -20.57 4.21 35.24
CA GLN A 273 -20.75 3.77 36.64
C GLN A 273 -20.84 4.94 37.64
N LEU A 274 -21.39 6.06 37.18
CA LEU A 274 -21.50 7.24 38.02
C LEU A 274 -22.67 7.12 38.98
N LEU A 275 -22.45 7.49 40.24
CA LEU A 275 -23.50 7.40 41.26
C LEU A 275 -24.48 8.58 41.19
N PHE A 276 -23.98 9.76 40.87
CA PHE A 276 -24.79 11.00 40.85
C PHE A 276 -25.51 11.20 42.18
N ALA A 277 -24.96 10.71 43.29
CA ALA A 277 -25.73 10.61 44.54
C ALA A 277 -26.44 11.90 45.00
N GLU A 278 -25.70 13.01 45.09
CA GLU A 278 -26.26 14.33 45.44
C GLU A 278 -25.34 15.51 45.08
N CYS A 285 -27.07 6.14 50.43
CA CYS A 285 -26.56 5.79 51.74
C CYS A 285 -25.20 6.48 51.96
N LYS A 286 -24.60 6.30 53.14
CA LYS A 286 -23.33 6.96 53.47
C LYS A 286 -22.15 6.55 52.57
N ARG A 287 -22.10 5.28 52.20
CA ARG A 287 -21.09 4.82 51.25
C ARG A 287 -21.30 5.50 49.88
N CYS A 288 -22.53 5.49 49.38
CA CYS A 288 -22.80 6.16 48.10
C CYS A 288 -22.47 7.66 48.17
N GLN A 289 -22.77 8.32 49.28
CA GLN A 289 -22.46 9.74 49.41
C GLN A 289 -20.94 10.01 49.33
N ALA A 290 -20.16 9.21 50.04
CA ALA A 290 -18.71 9.33 50.02
C ALA A 290 -18.14 8.93 48.66
N ARG A 291 -18.67 7.86 48.09
CA ARG A 291 -18.19 7.43 46.77
C ARG A 291 -18.51 8.47 45.69
N TRP A 292 -19.70 9.05 45.75
CA TRP A 292 -20.06 10.10 44.78
C TRP A 292 -19.19 11.34 44.96
N LYS A 293 -18.93 11.70 46.21
CA LYS A 293 -17.99 12.76 46.51
C LYS A 293 -16.64 12.55 45.81
N MET A 294 -16.11 11.34 45.84
CA MET A 294 -14.87 11.08 45.15
C MET A 294 -15.05 11.19 43.61
N GLN A 295 -16.08 10.54 43.08
CA GLN A 295 -16.36 10.57 41.65
C GLN A 295 -16.47 12.01 41.13
N LYS A 296 -17.09 12.86 41.95
CA LYS A 296 -17.35 14.24 41.52
C LYS A 296 -16.05 15.02 41.42
N LYS A 297 -15.11 14.71 42.31
CA LYS A 297 -13.79 15.33 42.26
C LYS A 297 -13.07 15.01 40.92
N TYR A 298 -13.07 13.74 40.53
CA TYR A 298 -12.45 13.39 39.26
C TYR A 298 -13.29 13.83 38.06
N LEU A 299 -14.59 13.93 38.26
CA LEU A 299 -15.48 14.36 37.19
C LEU A 299 -15.13 15.82 36.83
N ASP A 300 -14.86 16.64 37.84
CA ASP A 300 -14.53 18.03 37.59
C ASP A 300 -13.23 18.12 36.80
N GLN A 301 -12.30 17.22 37.09
CA GLN A 301 -11.03 17.21 36.37
C GLN A 301 -11.29 16.74 34.93
N ILE A 302 -12.12 15.72 34.78
CA ILE A 302 -12.51 15.30 33.44
C ILE A 302 -13.12 16.44 32.65
N ASP A 303 -13.96 17.23 33.31
CA ASP A 303 -14.64 18.36 32.66
C ASP A 303 -13.68 19.40 32.07
N GLU A 304 -12.60 19.74 32.79
CA GLU A 304 -11.62 20.70 32.27
C GLU A 304 -10.77 20.06 31.16
N LEU A 305 -10.26 18.87 31.44
CA LEU A 305 -9.27 18.26 30.56
C LEU A 305 -9.87 17.93 29.21
N TYR A 306 -11.14 17.52 29.20
CA TYR A 306 -11.79 17.07 27.97
C TYR A 306 -12.94 17.98 27.56
N GLU A 307 -12.72 19.27 27.75
CA GLU A 307 -13.71 20.28 27.43
C GLU A 307 -14.11 20.25 25.96
N ASP A 308 -13.16 19.94 25.08
CA ASP A 308 -13.46 19.88 23.67
C ASP A 308 -13.78 18.47 23.17
N PHE A 309 -14.17 17.58 24.09
CA PHE A 309 -14.61 16.23 23.75
C PHE A 309 -16.10 16.08 23.99
N HIS A 310 -16.75 15.16 23.28
CA HIS A 310 -18.06 14.70 23.75
C HIS A 310 -17.83 13.89 25.04
N VAL A 311 -18.23 14.41 26.18
CA VAL A 311 -18.16 13.59 27.39
C VAL A 311 -19.54 13.11 27.83
N VAL A 312 -19.68 11.79 27.84
CA VAL A 312 -20.97 11.16 28.01
C VAL A 312 -21.00 10.52 29.38
N LYS A 313 -21.85 11.03 30.26
CA LYS A 313 -21.90 10.57 31.65
C LYS A 313 -23.02 9.54 31.86
N MET A 314 -22.64 8.34 32.26
CA MET A 314 -23.59 7.23 32.40
C MET A 314 -23.73 6.76 33.85
N PRO A 315 -24.98 6.47 34.28
CA PRO A 315 -25.23 6.07 35.66
C PRO A 315 -24.85 4.61 35.94
N LEU A 316 -24.42 4.32 37.16
CA LEU A 316 -24.42 2.95 37.65
C LEU A 316 -25.87 2.50 37.81
N CYS A 317 -26.22 1.40 37.17
CA CYS A 317 -27.57 0.83 37.28
C CYS A 317 -27.70 -0.18 38.42
N ALA A 318 -28.93 -0.46 38.83
CA ALA A 318 -29.20 -1.33 39.99
C ALA A 318 -29.08 -2.82 39.68
N GLY A 319 -28.30 -3.16 38.65
CA GLY A 319 -28.04 -4.54 38.30
C GLY A 319 -27.03 -4.56 37.16
N GLU A 320 -26.62 -5.74 36.71
CA GLU A 320 -25.67 -5.85 35.60
C GLU A 320 -26.43 -5.61 34.31
N ILE A 321 -25.74 -5.38 33.20
CA ILE A 321 -26.49 -5.07 31.98
C ILE A 321 -26.32 -6.15 30.93
N ARG A 322 -27.28 -7.08 30.85
CA ARG A 322 -27.15 -8.21 29.93
C ARG A 322 -28.42 -8.48 29.15
N GLY A 323 -28.25 -8.97 27.92
CA GLY A 323 -29.38 -9.35 27.10
C GLY A 323 -29.77 -8.20 26.20
N LEU A 324 -30.29 -8.50 25.02
CA LEU A 324 -30.57 -7.43 24.09
C LEU A 324 -31.52 -6.39 24.73
N ASN A 325 -32.52 -6.85 25.48
CA ASN A 325 -33.52 -5.96 26.08
C ASN A 325 -32.86 -4.86 26.94
N ASN A 326 -32.11 -5.27 27.96
CA ASN A 326 -31.47 -4.35 28.89
C ASN A 326 -30.32 -3.51 28.31
N LEU A 327 -29.55 -4.07 27.37
CA LEU A 327 -28.48 -3.30 26.72
C LEU A 327 -29.06 -2.17 25.88
N THR A 328 -30.17 -2.47 25.19
CA THR A 328 -30.89 -1.46 24.42
C THR A 328 -31.39 -0.34 25.33
N LYS A 329 -32.02 -0.73 26.43
CA LYS A 329 -32.49 0.23 27.43
C LYS A 329 -31.37 1.16 27.93
N PHE A 330 -30.23 0.58 28.27
CA PHE A 330 -29.05 1.36 28.66
C PHE A 330 -28.50 2.23 27.55
N SER A 331 -28.51 1.69 26.32
CA SER A 331 -27.85 2.34 25.19
C SER A 331 -28.50 3.67 24.83
N GLN A 332 -29.76 3.82 25.16
CA GLN A 332 -30.44 5.05 24.79
C GLN A 332 -29.72 6.25 25.37
N PHE A 333 -29.05 6.07 26.51
CA PHE A 333 -28.36 7.20 27.12
C PHE A 333 -27.03 7.60 26.49
N LEU A 334 -26.57 6.83 25.51
CA LEU A 334 -25.43 7.29 24.72
C LEU A 334 -25.90 8.26 23.65
N ASN A 335 -27.20 8.21 23.35
CA ASN A 335 -27.74 8.95 22.23
C ASN A 335 -28.38 10.24 22.75
N LYS A 336 -29.23 10.10 23.76
CA LYS A 336 -29.75 11.27 24.46
C LYS A 336 -29.31 11.13 25.91
N GLU A 337 -28.41 12.02 26.33
CA GLU A 337 -27.71 11.86 27.61
C GLU A 337 -28.67 11.67 28.77
N TYR A 338 -28.30 10.76 29.67
CA TYR A 338 -29.00 10.53 30.93
C TYR A 338 -29.28 11.81 31.71
N ASN A 339 -30.52 11.94 32.19
CA ASN A 339 -30.96 13.10 32.96
C ASN A 339 -31.73 12.51 34.13
N PRO A 340 -31.22 12.70 35.35
CA PRO A 340 -31.82 12.13 36.58
C PRO A 340 -33.26 12.63 36.80
N ILE A 341 -33.55 13.86 36.42
CA ILE A 341 -34.90 14.41 36.66
C ILE A 341 -35.90 13.55 35.89
N THR A 342 -35.53 13.22 34.67
CA THR A 342 -36.42 12.59 33.71
C THR A 342 -36.29 11.06 33.60
N ASP A 343 -35.09 10.52 33.81
CA ASP A 343 -34.79 9.12 33.52
C ASP A 343 -34.40 8.33 34.78
N GLY A 344 -34.53 8.94 35.93
CA GLY A 344 -34.07 8.33 37.17
C GLY A 344 -34.62 6.93 37.39
N LYS A 345 -35.87 6.70 36.99
CA LYS A 345 -36.50 5.38 37.17
C LYS A 345 -35.81 4.25 36.38
N VAL A 346 -35.32 4.56 35.18
CA VAL A 346 -34.78 3.52 34.31
C VAL A 346 -33.65 2.71 34.96
N ILE A 347 -32.85 3.38 35.79
CA ILE A 347 -31.76 2.76 36.55
C ILE A 347 -32.19 1.52 37.33
N TYR A 348 -33.40 1.58 37.89
CA TYR A 348 -33.94 0.51 38.75
C TYR A 348 -34.61 -0.60 37.96
N GLU A 349 -34.86 -0.37 36.67
CA GLU A 349 -35.41 -1.39 35.77
C GLU A 349 -34.39 -2.49 35.42
N LEU A 350 -33.12 -2.29 35.78
CA LEU A 350 -32.11 -3.31 35.46
C LEU A 350 -31.98 -4.42 36.49
N GLU A 351 -32.61 -4.24 37.65
CA GLU A 351 -32.60 -5.27 38.68
C GLU A 351 -33.47 -6.44 38.23
N ASP A 352 -32.97 -7.65 38.49
CA ASP A 352 -33.63 -8.94 38.17
C ASP A 352 -33.16 -9.59 36.87
N THR B 4 -15.41 -26.36 56.56
CA THR B 4 -15.22 -25.33 55.54
C THR B 4 -13.78 -24.83 55.54
N VAL B 5 -13.32 -24.41 54.37
CA VAL B 5 -11.97 -23.90 54.17
C VAL B 5 -11.86 -22.43 54.62
N GLU B 6 -10.73 -22.08 55.21
CA GLU B 6 -10.56 -20.73 55.76
C GLU B 6 -10.77 -19.64 54.71
N PRO B 7 -11.68 -18.67 54.99
CA PRO B 7 -11.98 -17.59 54.02
C PRO B 7 -10.95 -16.45 54.05
N ASN B 8 -9.66 -16.79 54.01
CA ASN B 8 -8.61 -15.80 54.11
C ASN B 8 -7.36 -16.35 53.41
N LEU B 9 -6.33 -15.54 53.23
CA LEU B 9 -5.11 -15.98 52.60
C LEU B 9 -3.99 -16.17 53.64
N HIS B 10 -4.36 -16.35 54.90
CA HIS B 10 -3.36 -16.47 55.98
C HIS B 10 -2.26 -17.47 55.62
N SER B 11 -2.64 -18.65 55.15
CA SER B 11 -1.68 -19.70 54.76
C SER B 11 -0.71 -19.28 53.68
N LEU B 12 -1.16 -18.47 52.74
CA LEU B 12 -0.28 -18.02 51.68
C LEU B 12 0.61 -16.91 52.21
N ILE B 13 0.02 -16.01 53.01
CA ILE B 13 0.74 -14.84 53.51
C ILE B 13 1.92 -15.30 54.41
N THR B 14 1.73 -16.41 55.10
CA THR B 14 2.77 -16.93 55.99
C THR B 14 3.58 -18.06 55.37
N SER B 15 3.36 -18.34 54.09
CA SER B 15 4.05 -19.46 53.46
C SER B 15 5.55 -19.24 53.49
N THR B 16 6.31 -20.32 53.70
CA THR B 16 7.75 -20.26 53.67
C THR B 16 8.29 -20.92 52.42
N THR B 17 7.41 -21.32 51.51
CA THR B 17 7.88 -22.00 50.31
C THR B 17 7.60 -21.28 49.01
N HIS B 18 6.56 -20.43 48.97
CA HIS B 18 6.18 -19.79 47.71
C HIS B 18 7.20 -18.80 47.19
N LYS B 19 7.54 -18.98 45.94
CA LYS B 19 8.47 -18.14 45.21
C LYS B 19 7.76 -17.30 44.17
N TRP B 20 6.64 -17.81 43.63
CA TRP B 20 5.93 -17.12 42.52
C TRP B 20 4.41 -17.05 42.79
N ILE B 21 3.84 -15.85 42.91
CA ILE B 21 2.43 -15.70 43.23
C ILE B 21 1.80 -14.80 42.16
N PHE B 22 0.93 -15.39 41.36
CA PHE B 22 0.23 -14.67 40.31
C PHE B 22 -1.11 -14.22 40.85
N VAL B 23 -1.45 -12.96 40.61
CA VAL B 23 -2.78 -12.46 41.01
C VAL B 23 -3.44 -12.00 39.70
N GLY B 24 -4.56 -12.61 39.32
CA GLY B 24 -5.15 -12.35 38.02
C GLY B 24 -6.67 -12.41 38.05
N GLY B 25 -7.30 -12.22 36.87
CA GLY B 25 -8.75 -12.12 36.79
C GLY B 25 -9.16 -11.15 35.70
N LYS B 26 -10.45 -10.97 35.55
CA LYS B 26 -11.01 -10.01 34.61
C LYS B 26 -10.54 -8.56 34.84
N GLY B 27 -10.70 -7.70 33.83
CA GLY B 27 -10.32 -6.32 33.98
C GLY B 27 -11.11 -5.61 35.09
N GLY B 28 -10.42 -4.72 35.82
CA GLY B 28 -11.02 -3.85 36.82
C GLY B 28 -11.59 -4.49 38.08
N VAL B 29 -11.32 -5.77 38.32
CA VAL B 29 -11.86 -6.45 39.52
C VAL B 29 -11.10 -6.13 40.80
N GLY B 30 -9.90 -5.57 40.64
CA GLY B 30 -9.02 -5.26 41.76
C GLY B 30 -7.74 -6.11 41.85
N LYS B 31 -7.20 -6.51 40.70
CA LYS B 31 -5.90 -7.20 40.67
C LYS B 31 -4.77 -6.37 41.27
N THR B 32 -4.64 -5.12 40.83
CA THR B 32 -3.56 -4.30 41.29
C THR B 32 -3.75 -4.01 42.79
N THR B 33 -4.98 -3.69 43.19
CA THR B 33 -5.30 -3.48 44.60
C THR B 33 -5.02 -4.69 45.49
N SER B 34 -5.36 -5.87 44.99
CA SER B 34 -5.17 -7.11 45.76
C SER B 34 -3.70 -7.53 45.86
N SER B 35 -2.99 -7.44 44.74
CA SER B 35 -1.59 -7.86 44.68
C SER B 35 -0.74 -6.96 45.58
N CYS B 36 -1.02 -5.67 45.56
CA CYS B 36 -0.41 -4.73 46.49
C CYS B 36 -0.72 -5.15 47.92
N SER B 37 -1.97 -5.52 48.16
CA SER B 37 -2.37 -5.93 49.50
C SER B 37 -1.71 -7.24 49.95
N ILE B 38 -1.65 -8.23 49.05
CA ILE B 38 -0.97 -9.49 49.34
C ILE B 38 0.51 -9.26 49.59
N ALA B 39 1.16 -8.46 48.74
CA ALA B 39 2.59 -8.18 48.88
C ALA B 39 2.88 -7.48 50.21
N ILE B 40 2.06 -6.50 50.54
CA ILE B 40 2.23 -5.84 51.84
C ILE B 40 2.07 -6.81 53.03
N GLN B 41 1.03 -7.63 53.01
CA GLN B 41 0.84 -8.57 54.12
C GLN B 41 2.04 -9.51 54.24
N MET B 42 2.54 -9.99 53.10
CA MET B 42 3.66 -10.92 53.14
C MET B 42 4.93 -10.27 53.66
N ALA B 43 5.18 -9.04 53.20
CA ALA B 43 6.36 -8.28 53.63
C ALA B 43 6.35 -7.99 55.13
N LEU B 44 5.18 -7.60 55.64
CA LEU B 44 5.04 -7.30 57.08
C LEU B 44 5.15 -8.59 57.86
N SER B 45 4.70 -9.69 57.28
CA SER B 45 4.62 -10.94 58.00
C SER B 45 5.96 -11.71 57.99
N GLN B 46 6.81 -11.42 57.02
CA GLN B 46 8.12 -12.06 56.92
C GLN B 46 9.20 -11.00 56.66
N PRO B 47 9.56 -10.25 57.71
CA PRO B 47 10.47 -9.10 57.64
C PRO B 47 11.88 -9.46 57.16
N ASN B 48 12.26 -10.73 57.22
CA ASN B 48 13.61 -11.06 56.76
C ASN B 48 13.71 -11.64 55.34
N LYS B 49 12.60 -11.62 54.62
CA LYS B 49 12.58 -11.97 53.21
C LYS B 49 12.39 -10.69 52.39
N GLN B 50 12.82 -10.73 51.13
CA GLN B 50 12.71 -9.59 50.25
C GLN B 50 11.71 -9.93 49.17
N PHE B 51 10.72 -9.07 49.00
CA PHE B 51 9.62 -9.36 48.07
C PHE B 51 9.62 -8.38 46.92
N LEU B 52 9.32 -8.89 45.72
CA LEU B 52 9.19 -8.04 44.54
C LEU B 52 7.76 -8.13 44.00
N LEU B 53 7.14 -6.99 43.78
CA LEU B 53 5.83 -6.98 43.16
C LEU B 53 6.04 -6.49 41.73
N ILE B 54 5.73 -7.30 40.74
CA ILE B 54 5.99 -6.91 39.36
C ILE B 54 4.66 -6.83 38.61
N SER B 55 4.47 -5.72 37.92
CA SER B 55 3.25 -5.54 37.11
C SER B 55 3.57 -6.09 35.73
N THR B 56 2.81 -7.09 35.29
CA THR B 56 2.94 -7.52 33.89
C THR B 56 1.82 -6.94 33.01
N ASP B 57 1.06 -6.00 33.56
CA ASP B 57 0.03 -5.31 32.77
C ASP B 57 0.73 -4.20 32.02
N PRO B 58 0.69 -4.25 30.68
CA PRO B 58 1.43 -3.24 29.91
C PRO B 58 0.93 -1.82 30.25
N ALA B 59 -0.31 -1.71 30.69
CA ALA B 59 -0.79 -0.43 31.20
C ALA B 59 -0.69 -0.48 32.72
N HIS B 60 0.49 -0.15 33.23
CA HIS B 60 0.79 -0.31 34.66
C HIS B 60 0.00 0.62 35.54
N ASN B 61 -0.24 0.18 36.76
CA ASN B 61 -0.89 1.04 37.75
C ASN B 61 -0.24 0.97 39.14
N LEU B 62 0.90 0.29 39.29
CA LEU B 62 1.56 0.21 40.61
C LEU B 62 2.05 1.58 41.08
N SER B 63 2.66 2.37 40.20
CA SER B 63 3.00 3.76 40.53
C SER B 63 1.75 4.57 40.93
N ASP B 64 0.68 4.46 40.14
CA ASP B 64 -0.57 5.15 40.50
C ASP B 64 -1.13 4.61 41.83
N ALA B 65 -1.07 3.31 42.02
CA ALA B 65 -1.64 2.74 43.24
C ALA B 65 -0.91 3.17 44.54
N PHE B 66 0.42 3.23 44.51
CA PHE B 66 1.22 3.65 45.69
C PHE B 66 1.47 5.16 45.73
N GLY B 67 1.37 5.82 44.58
CA GLY B 67 1.58 7.24 44.49
C GLY B 67 3.03 7.66 44.46
N GLU B 68 3.89 6.78 43.93
CA GLU B 68 5.28 7.14 43.67
C GLU B 68 5.74 6.43 42.41
N LYS B 69 6.84 6.88 41.81
CA LYS B 69 7.23 6.41 40.49
C LYS B 69 8.10 5.14 40.49
N PHE B 70 7.56 4.05 39.95
CA PHE B 70 8.33 2.84 39.71
C PHE B 70 8.73 2.70 38.23
N GLY B 71 9.55 1.72 37.90
CA GLY B 71 10.09 1.62 36.54
C GLY B 71 10.70 0.27 36.25
N LYS B 72 11.55 0.19 35.24
CA LYS B 72 12.07 -1.12 34.85
C LYS B 72 13.06 -1.65 35.87
N ASP B 73 13.59 -0.77 36.70
CA ASP B 73 14.47 -1.23 37.77
C ASP B 73 13.75 -1.23 39.11
N ALA B 74 13.82 -2.37 39.79
CA ALA B 74 13.15 -2.54 41.08
C ALA B 74 13.48 -1.40 42.03
N ARG B 75 12.46 -0.85 42.67
CA ARG B 75 12.62 0.19 43.68
C ARG B 75 11.80 -0.13 44.93
N LYS B 76 12.37 0.17 46.09
CA LYS B 76 11.67 0.00 47.37
C LYS B 76 10.40 0.85 47.44
N VAL B 77 9.33 0.25 47.96
CA VAL B 77 8.16 1.01 48.36
C VAL B 77 8.52 1.85 49.59
N THR B 78 8.33 3.17 49.52
CA THR B 78 8.69 4.07 50.62
C THR B 78 7.86 3.69 51.82
N GLY B 79 8.51 3.54 52.96
CA GLY B 79 7.83 3.06 54.15
C GLY B 79 8.03 1.57 54.37
N MET B 80 8.53 0.86 53.36
CA MET B 80 8.83 -0.58 53.52
C MET B 80 10.32 -0.94 53.41
N ASN B 81 10.79 -1.81 54.30
CA ASN B 81 12.16 -2.29 54.24
C ASN B 81 12.36 -3.42 53.21
N ASN B 82 11.29 -4.13 52.88
CA ASN B 82 11.43 -5.41 52.17
C ASN B 82 10.41 -5.66 51.06
N LEU B 83 9.84 -4.57 50.53
CA LEU B 83 8.94 -4.68 49.38
C LEU B 83 9.42 -3.71 48.30
N SER B 84 9.59 -4.24 47.09
CA SER B 84 9.99 -3.42 45.97
C SER B 84 8.95 -3.58 44.85
N CYS B 85 8.86 -2.61 43.93
CA CYS B 85 7.95 -2.73 42.78
C CYS B 85 8.70 -2.52 41.48
N MET B 86 8.17 -3.07 40.39
CA MET B 86 8.79 -2.99 39.08
C MET B 86 7.67 -2.85 38.05
N GLU B 87 7.85 -1.92 37.13
CA GLU B 87 6.95 -1.74 35.99
C GLU B 87 7.84 -1.69 34.77
N ILE B 88 7.91 -2.79 34.06
CA ILE B 88 8.84 -2.92 32.92
C ILE B 88 8.33 -2.07 31.76
N ASP B 89 9.19 -1.17 31.25
CA ASP B 89 8.90 -0.37 30.07
C ASP B 89 9.60 -1.03 28.89
N PRO B 90 8.83 -1.65 27.98
CA PRO B 90 9.44 -2.47 26.92
C PRO B 90 10.36 -1.69 25.99
N SER B 91 10.04 -0.43 25.70
CA SER B 91 10.89 0.35 24.81
C SER B 91 12.16 0.84 25.54
N ALA B 92 12.06 1.10 26.85
CA ALA B 92 13.24 1.46 27.61
C ALA B 92 14.13 0.24 27.75
N ALA B 93 13.52 -0.91 28.06
CA ALA B 93 14.26 -2.15 28.19
C ALA B 93 15.00 -2.55 26.91
N LEU B 94 14.32 -2.46 25.76
CA LEU B 94 14.99 -2.76 24.48
C LEU B 94 16.09 -1.78 24.08
N LYS B 95 15.91 -0.50 24.40
CA LYS B 95 16.96 0.47 24.17
C LYS B 95 18.20 0.15 25.02
N ASP B 96 18.01 -0.21 26.29
CA ASP B 96 19.16 -0.58 27.12
C ASP B 96 19.85 -1.86 26.63
N MET B 97 19.08 -2.86 26.22
CA MET B 97 19.69 -4.04 25.61
C MET B 97 20.51 -3.65 24.37
N ASN B 98 19.92 -2.83 23.52
CA ASN B 98 20.59 -2.32 22.32
C ASN B 98 21.87 -1.49 22.62
N ASP B 99 21.83 -0.62 23.62
CA ASP B 99 23.01 0.20 23.96
C ASP B 99 24.16 -0.70 24.37
N MET B 100 23.85 -1.69 25.21
CA MET B 100 24.84 -2.63 25.71
C MET B 100 25.47 -3.45 24.61
N ALA B 101 24.64 -4.00 23.73
CA ALA B 101 25.15 -4.71 22.57
C ALA B 101 26.03 -3.81 21.70
N VAL B 102 25.59 -2.57 21.48
CA VAL B 102 26.41 -1.65 20.69
C VAL B 102 27.75 -1.35 21.35
N SER B 103 27.73 -1.14 22.66
CA SER B 103 28.87 -0.53 23.34
C SER B 103 29.76 -1.46 24.15
N ARG B 104 29.29 -2.68 24.39
CA ARG B 104 30.05 -3.64 25.19
C ARG B 104 31.30 -4.14 24.50
N ALA B 105 32.33 -4.42 25.29
CA ALA B 105 33.58 -4.97 24.78
C ALA B 105 33.36 -6.36 24.19
N LEU B 126 16.39 -1.19 16.50
CA LEU B 126 15.60 -2.41 16.58
C LEU B 126 14.54 -2.37 17.70
N ALA B 127 14.73 -1.47 18.67
CA ALA B 127 13.72 -1.23 19.70
C ALA B 127 12.48 -0.61 19.07
N ASP B 128 12.75 0.22 18.07
CA ASP B 128 11.75 0.84 17.24
C ASP B 128 10.86 -0.18 16.53
N LEU B 129 11.46 -1.25 16.00
CA LEU B 129 10.70 -2.29 15.32
C LEU B 129 10.05 -3.27 16.28
N THR B 130 10.80 -3.77 17.25
CA THR B 130 10.27 -4.82 18.14
C THR B 130 9.48 -4.29 19.36
N GLY B 131 9.71 -3.05 19.76
CA GLY B 131 9.06 -2.50 20.94
C GLY B 131 7.55 -2.32 20.87
N SER B 132 6.97 -2.56 19.70
CA SER B 132 5.51 -2.41 19.60
C SER B 132 4.81 -3.63 18.98
N ILE B 133 5.57 -4.70 18.74
CA ILE B 133 4.98 -5.95 18.27
C ILE B 133 4.11 -6.57 19.36
N PRO B 134 2.86 -6.92 19.02
CA PRO B 134 2.05 -7.64 20.01
C PRO B 134 2.78 -8.89 20.54
N GLY B 135 2.76 -9.07 21.86
CA GLY B 135 3.46 -10.17 22.47
C GLY B 135 4.76 -9.73 23.10
N ILE B 136 5.24 -8.56 22.71
CA ILE B 136 6.51 -8.04 23.27
C ILE B 136 6.46 -7.87 24.79
N ASP B 137 5.31 -7.48 25.33
CA ASP B 137 5.18 -7.30 26.76
C ASP B 137 5.35 -8.61 27.53
N GLU B 138 4.74 -9.67 27.01
CA GLU B 138 4.86 -11.00 27.59
C GLU B 138 6.29 -11.55 27.44
N ALA B 139 6.88 -11.39 26.27
CA ALA B 139 8.28 -11.75 26.05
C ALA B 139 9.20 -11.11 27.11
N LEU B 140 9.07 -9.80 27.32
CA LEU B 140 9.92 -9.10 28.28
C LEU B 140 9.63 -9.47 29.74
N SER B 141 8.35 -9.72 30.07
CA SER B 141 7.98 -10.15 31.41
C SER B 141 8.63 -11.50 31.69
N PHE B 142 8.65 -12.33 30.67
CA PHE B 142 9.25 -13.64 30.77
C PHE B 142 10.78 -13.56 30.92
N MET B 143 11.40 -12.65 30.18
CA MET B 143 12.84 -12.45 30.34
C MET B 143 13.18 -12.04 31.76
N GLU B 144 12.36 -11.21 32.36
CA GLU B 144 12.57 -10.83 33.75
C GLU B 144 12.54 -12.09 34.64
N VAL B 145 11.53 -12.93 34.46
CA VAL B 145 11.45 -14.18 35.23
C VAL B 145 12.72 -15.02 35.05
N MET B 146 13.21 -15.10 33.82
CA MET B 146 14.36 -15.93 33.54
C MET B 146 15.59 -15.34 34.23
N LYS B 147 15.70 -14.02 34.28
CA LYS B 147 16.86 -13.46 34.98
C LYS B 147 16.87 -13.82 36.47
N HIS B 148 15.70 -13.83 37.11
CA HIS B 148 15.61 -14.26 38.52
C HIS B 148 15.92 -15.74 38.70
N ILE B 149 15.36 -16.58 37.84
CA ILE B 149 15.69 -17.99 37.78
C ILE B 149 17.19 -18.23 37.69
N LYS B 150 17.84 -17.56 36.75
CA LYS B 150 19.28 -17.67 36.58
C LYS B 150 20.03 -17.23 37.84
N ARG B 151 19.58 -16.13 38.44
CA ARG B 151 20.25 -15.59 39.62
C ARG B 151 20.06 -16.45 40.87
N GLN B 152 18.98 -17.23 40.93
CA GLN B 152 18.82 -18.25 41.98
C GLN B 152 20.05 -19.13 42.10
N GLU B 153 20.66 -19.42 40.95
CA GLU B 153 21.72 -20.42 40.86
C GLU B 153 23.07 -19.77 40.54
N THR B 159 18.42 -10.43 43.46
CA THR B 159 17.10 -11.07 43.37
C THR B 159 16.37 -11.10 44.73
N PHE B 160 15.20 -11.73 44.73
CA PHE B 160 14.25 -11.65 45.81
C PHE B 160 13.89 -13.06 46.22
N ASP B 161 13.30 -13.22 47.41
CA ASP B 161 12.81 -14.52 47.83
C ASP B 161 11.50 -14.89 47.15
N THR B 162 10.63 -13.91 46.96
CA THR B 162 9.29 -14.17 46.43
C THR B 162 8.89 -13.04 45.50
N VAL B 163 8.32 -13.39 44.36
CA VAL B 163 7.85 -12.43 43.37
C VAL B 163 6.34 -12.56 43.29
N ILE B 164 5.65 -11.43 43.35
CA ILE B 164 4.20 -11.39 43.20
C ILE B 164 3.92 -10.67 41.88
N PHE B 165 3.10 -11.26 41.02
CA PHE B 165 2.85 -10.63 39.72
C PHE B 165 1.49 -10.01 39.77
N ASP B 166 1.46 -8.71 39.51
CA ASP B 166 0.20 -8.01 39.30
C ASP B 166 -0.06 -8.09 37.79
N THR B 167 -0.93 -9.00 37.37
CA THR B 167 -0.97 -9.41 35.97
C THR B 167 -1.95 -8.59 35.14
N ALA B 168 -1.84 -8.67 33.82
CA ALA B 168 -2.82 -8.08 32.92
C ALA B 168 -4.11 -8.88 33.02
N PRO B 169 -5.22 -8.32 32.55
CA PRO B 169 -6.47 -9.10 32.56
C PRO B 169 -6.34 -10.44 31.84
N THR B 170 -7.22 -11.33 32.26
CA THR B 170 -7.25 -12.75 31.88
C THR B 170 -6.60 -13.18 30.57
N GLY B 171 -7.11 -12.65 29.46
CA GLY B 171 -6.78 -13.16 28.13
C GLY B 171 -5.28 -13.18 27.89
N HIS B 172 -4.63 -12.08 28.21
CA HIS B 172 -3.22 -11.94 27.91
C HIS B 172 -2.37 -12.60 28.99
N THR B 173 -2.93 -12.78 30.18
CA THR B 173 -2.18 -13.44 31.24
C THR B 173 -2.14 -14.94 30.97
N LEU B 174 -3.21 -15.49 30.38
CA LEU B 174 -3.16 -16.87 29.89
C LEU B 174 -2.06 -17.07 28.84
N ARG B 175 -1.85 -16.09 27.98
CA ARG B 175 -0.79 -16.20 26.96
C ARG B 175 0.58 -16.22 27.64
N PHE B 176 0.74 -15.32 28.59
CA PHE B 176 1.96 -15.29 29.37
C PHE B 176 2.26 -16.65 30.02
N LEU B 177 1.27 -17.25 30.68
CA LEU B 177 1.46 -18.54 31.35
C LEU B 177 1.65 -19.70 30.39
N GLN B 178 1.12 -19.60 29.17
CA GLN B 178 1.38 -20.61 28.16
C GLN B 178 2.83 -20.55 27.67
N LEU B 179 3.46 -19.41 27.85
CA LEU B 179 4.70 -19.14 27.10
C LEU B 179 5.82 -20.16 27.39
N PRO B 180 6.01 -20.55 28.66
CA PRO B 180 7.09 -21.51 28.93
C PRO B 180 6.88 -22.80 28.13
N ASN B 181 5.63 -23.24 28.06
CA ASN B 181 5.28 -24.50 27.40
C ASN B 181 5.43 -24.36 25.89
N THR B 182 5.06 -23.19 25.38
CA THR B 182 5.16 -22.92 23.95
C THR B 182 6.61 -22.77 23.54
N LEU B 183 7.37 -22.02 24.33
CA LEU B 183 8.82 -21.96 24.15
C LEU B 183 9.44 -23.37 24.09
N SER B 184 9.21 -24.16 25.13
CA SER B 184 9.77 -25.51 25.16
C SER B 184 9.44 -26.32 23.89
N LYS B 185 8.18 -26.31 23.48
CA LYS B 185 7.73 -27.12 22.36
C LYS B 185 8.30 -26.64 21.03
N LEU B 186 8.50 -25.33 20.92
CA LEU B 186 9.10 -24.78 19.71
C LEU B 186 10.51 -25.31 19.57
N LEU B 187 11.24 -25.35 20.68
CA LEU B 187 12.64 -25.80 20.66
C LEU B 187 12.80 -27.28 20.34
N GLU B 188 11.76 -28.07 20.57
CA GLU B 188 11.77 -29.49 20.19
C GLU B 188 11.24 -29.70 18.77
N LYS B 189 10.17 -29.01 18.41
CA LYS B 189 9.66 -29.04 17.03
C LYS B 189 10.72 -28.53 16.05
N PHE B 190 11.31 -27.38 16.38
CA PHE B 190 12.22 -26.68 15.48
C PHE B 190 13.69 -26.82 15.93
N GLY B 191 13.98 -27.88 16.67
CA GLY B 191 15.31 -28.10 17.20
C GLY B 191 16.36 -28.38 16.13
N GLU B 192 15.94 -28.92 15.00
CA GLU B 192 16.86 -29.16 13.91
C GLU B 192 17.09 -27.87 13.11
N ILE B 193 18.35 -27.45 13.03
CA ILE B 193 18.67 -26.17 12.43
C ILE B 193 20.16 -26.03 12.06
N VAL B 210 29.05 -15.90 18.33
CA VAL B 210 28.11 -16.33 19.35
C VAL B 210 27.69 -17.80 19.16
N ASP B 211 27.77 -18.56 20.25
CA ASP B 211 27.47 -19.99 20.20
C ASP B 211 25.98 -20.22 20.29
N ILE B 212 25.30 -20.20 19.13
CA ILE B 212 23.83 -20.18 19.12
C ILE B 212 23.22 -21.46 19.70
N SER B 213 23.70 -22.60 19.21
CA SER B 213 23.32 -23.89 19.74
C SER B 213 23.43 -23.92 21.28
N GLY B 214 24.56 -23.44 21.80
CA GLY B 214 24.78 -23.40 23.23
C GLY B 214 23.86 -22.43 23.95
N LYS B 215 23.61 -21.29 23.31
CA LYS B 215 22.65 -20.32 23.84
C LYS B 215 21.25 -20.90 23.91
N LEU B 216 20.87 -21.70 22.92
CA LEU B 216 19.52 -22.30 22.89
C LEU B 216 19.34 -23.33 24.02
N ASN B 217 20.40 -24.08 24.28
CA ASN B 217 20.43 -25.05 25.37
C ASN B 217 20.32 -24.39 26.73
N GLU B 218 21.06 -23.31 26.92
CA GLU B 218 20.94 -22.49 28.12
C GLU B 218 19.50 -21.98 28.24
N LEU B 219 18.87 -21.66 27.11
CA LEU B 219 17.52 -21.10 27.14
C LEU B 219 16.51 -22.18 27.49
N LYS B 220 16.61 -23.28 26.76
CA LYS B 220 15.81 -24.47 27.00
C LYS B 220 15.87 -24.89 28.48
N ALA B 221 17.07 -24.89 29.05
CA ALA B 221 17.25 -25.32 30.45
C ALA B 221 16.55 -24.39 31.42
N ASN B 222 16.70 -23.09 31.18
CA ASN B 222 15.99 -22.05 31.94
C ASN B 222 14.47 -22.23 31.81
N VAL B 223 14.00 -22.51 30.61
CA VAL B 223 12.54 -22.62 30.41
C VAL B 223 11.98 -23.81 31.16
N GLU B 224 12.68 -24.94 31.07
CA GLU B 224 12.32 -26.14 31.80
C GLU B 224 12.31 -25.90 33.31
N THR B 225 13.26 -25.14 33.83
CA THR B 225 13.23 -24.84 35.26
C THR B 225 12.00 -24.00 35.62
N ILE B 226 11.66 -23.01 34.80
CA ILE B 226 10.43 -22.23 35.03
C ILE B 226 9.22 -23.17 35.00
N ARG B 227 9.13 -24.03 34.01
CA ARG B 227 7.97 -24.92 33.94
C ARG B 227 7.88 -25.80 35.17
N GLN B 228 9.03 -26.29 35.62
CA GLN B 228 9.06 -27.11 36.82
C GLN B 228 8.59 -26.31 38.06
N GLN B 229 9.06 -25.08 38.21
CA GLN B 229 8.65 -24.31 39.38
C GLN B 229 7.19 -23.80 39.30
N PHE B 230 6.77 -23.38 38.10
CA PHE B 230 5.38 -22.93 37.92
C PHE B 230 4.34 -24.02 38.15
N THR B 231 4.73 -25.27 37.92
CA THR B 231 3.81 -26.40 38.13
C THR B 231 4.01 -27.11 39.48
N ASP B 232 4.71 -26.46 40.39
CA ASP B 232 4.94 -27.00 41.74
C ASP B 232 4.09 -26.18 42.72
N PRO B 233 3.06 -26.81 43.28
CA PRO B 233 2.06 -26.15 44.14
C PRO B 233 2.69 -25.47 45.39
N ASP B 234 3.83 -25.95 45.86
CA ASP B 234 4.49 -25.31 47.00
C ASP B 234 5.27 -24.06 46.61
N LEU B 235 5.59 -23.93 45.32
CA LEU B 235 6.46 -22.87 44.85
C LEU B 235 5.63 -21.78 44.17
N THR B 236 4.54 -22.19 43.54
CA THR B 236 3.78 -21.27 42.68
C THR B 236 2.28 -21.45 42.88
N THR B 237 1.56 -20.33 42.99
CA THR B 237 0.10 -20.44 43.00
C THR B 237 -0.50 -19.23 42.31
N PHE B 238 -1.75 -19.35 41.88
CA PHE B 238 -2.42 -18.28 41.18
C PHE B 238 -3.63 -17.89 42.05
N VAL B 239 -3.72 -16.61 42.42
CA VAL B 239 -4.84 -16.09 43.19
C VAL B 239 -5.80 -15.36 42.24
N CYS B 240 -7.01 -15.85 42.12
CA CYS B 240 -8.00 -15.20 41.25
C CYS B 240 -8.69 -14.06 42.01
N VAL B 241 -8.96 -12.97 41.31
CA VAL B 241 -9.75 -11.85 41.82
C VAL B 241 -10.99 -11.71 40.93
N CYS B 242 -12.14 -11.52 41.53
CA CYS B 242 -13.36 -11.35 40.73
C CYS B 242 -14.29 -10.37 41.40
N ILE B 243 -15.33 -9.98 40.68
CA ILE B 243 -16.45 -9.31 41.33
C ILE B 243 -17.63 -10.26 41.20
N SER B 244 -18.60 -10.11 42.07
CA SER B 244 -19.76 -10.98 42.05
C SER B 244 -20.84 -10.51 41.03
N GLU B 245 -20.54 -10.70 39.74
CA GLU B 245 -21.46 -10.43 38.62
C GLU B 245 -21.21 -11.50 37.56
N PHE B 246 -22.21 -11.73 36.72
CA PHE B 246 -22.16 -12.76 35.70
C PHE B 246 -20.89 -12.78 34.86
N LEU B 247 -20.57 -11.65 34.26
CA LEU B 247 -19.44 -11.66 33.32
C LEU B 247 -18.12 -12.04 33.99
N SER B 248 -17.91 -11.52 35.19
CA SER B 248 -16.66 -11.79 35.91
C SER B 248 -16.65 -13.24 36.43
N LEU B 249 -17.77 -13.70 36.94
CA LEU B 249 -17.86 -15.04 37.47
C LEU B 249 -17.55 -16.11 36.41
N TYR B 250 -18.14 -15.97 35.25
CA TYR B 250 -17.98 -16.95 34.18
C TYR B 250 -16.62 -16.84 33.51
N GLU B 251 -16.12 -15.63 33.34
CA GLU B 251 -14.72 -15.47 32.93
C GLU B 251 -13.76 -16.14 33.92
N THR B 252 -14.00 -15.96 35.22
CA THR B 252 -13.16 -16.55 36.24
C THR B 252 -13.23 -18.09 36.22
N GLU B 253 -14.41 -18.64 35.99
CA GLU B 253 -14.58 -20.09 35.90
C GLU B 253 -13.81 -20.63 34.68
N ARG B 254 -13.87 -19.92 33.56
CA ARG B 254 -13.15 -20.34 32.36
C ARG B 254 -11.63 -20.22 32.58
N LEU B 255 -11.21 -19.17 33.29
CA LEU B 255 -9.81 -18.94 33.62
C LEU B 255 -9.27 -20.09 34.47
N ILE B 256 -10.02 -20.48 35.48
CA ILE B 256 -9.60 -21.53 36.41
C ILE B 256 -9.48 -22.89 35.70
N GLN B 257 -10.47 -23.23 34.88
CA GLN B 257 -10.36 -24.47 34.13
C GLN B 257 -9.08 -24.50 33.28
N GLU B 258 -8.76 -23.38 32.64
CA GLU B 258 -7.53 -23.26 31.85
C GLU B 258 -6.25 -23.42 32.71
N LEU B 259 -6.20 -22.74 33.84
CA LEU B 259 -5.04 -22.88 34.73
C LEU B 259 -4.84 -24.32 35.17
N ILE B 260 -5.92 -24.98 35.54
CA ILE B 260 -5.85 -26.38 35.95
C ILE B 260 -5.28 -27.23 34.81
N SER B 261 -5.67 -26.95 33.58
CA SER B 261 -5.12 -27.71 32.45
C SER B 261 -3.63 -27.41 32.21
N TYR B 262 -3.15 -26.26 32.67
CA TYR B 262 -1.72 -25.94 32.57
C TYR B 262 -0.96 -26.55 33.76
N ASP B 263 -1.67 -27.24 34.64
CA ASP B 263 -1.09 -27.73 35.90
C ASP B 263 -0.64 -26.62 36.83
N MET B 264 -1.26 -25.46 36.72
CA MET B 264 -0.93 -24.39 37.64
C MET B 264 -1.83 -24.50 38.89
N ASP B 265 -1.26 -24.31 40.07
CA ASP B 265 -2.05 -24.41 41.30
C ASP B 265 -2.96 -23.19 41.44
N VAL B 266 -4.23 -23.43 41.71
CA VAL B 266 -5.15 -22.34 42.02
C VAL B 266 -6.04 -22.83 43.13
N ASN B 267 -6.05 -22.11 44.24
CA ASN B 267 -6.93 -22.55 45.32
C ASN B 267 -7.48 -21.40 46.16
N SER B 268 -7.46 -20.20 45.58
CA SER B 268 -7.88 -18.99 46.26
C SER B 268 -8.64 -18.10 45.30
N ILE B 269 -9.74 -17.53 45.75
CA ILE B 269 -10.46 -16.51 44.99
C ILE B 269 -10.80 -15.35 45.91
N ILE B 270 -10.40 -14.15 45.52
CA ILE B 270 -10.81 -12.95 46.22
C ILE B 270 -12.07 -12.40 45.52
N VAL B 271 -13.17 -12.29 46.25
CA VAL B 271 -14.39 -11.68 45.70
C VAL B 271 -14.43 -10.26 46.23
N ASN B 272 -14.16 -9.32 45.35
CA ASN B 272 -13.90 -7.94 45.74
C ASN B 272 -15.15 -7.09 45.49
N GLN B 273 -15.15 -5.87 46.06
CA GLN B 273 -16.15 -4.83 45.83
C GLN B 273 -17.55 -5.20 46.35
N LEU B 274 -17.61 -6.05 47.38
CA LEU B 274 -18.90 -6.47 47.93
C LEU B 274 -19.58 -5.36 48.77
N LEU B 275 -20.90 -5.21 48.62
CA LEU B 275 -21.65 -4.17 49.34
C LEU B 275 -22.03 -4.57 50.78
N PHE B 276 -22.29 -5.86 51.01
CA PHE B 276 -22.83 -6.33 52.29
C PHE B 276 -23.96 -5.41 52.77
N ALA B 277 -24.88 -5.07 51.88
CA ALA B 277 -25.87 -4.00 52.13
C ALA B 277 -26.82 -4.28 53.29
N GLU B 278 -27.03 -5.56 53.62
CA GLU B 278 -27.90 -5.91 54.74
C GLU B 278 -27.23 -5.55 56.07
N ASN B 279 -25.96 -5.14 56.03
CA ASN B 279 -25.24 -4.72 57.23
C ASN B 279 -24.81 -3.26 57.16
N CYS B 285 -31.11 2.75 50.88
CA CYS B 285 -30.46 2.89 49.56
C CYS B 285 -30.92 1.81 48.60
N LYS B 286 -31.93 2.14 47.80
CA LYS B 286 -32.53 1.15 46.91
C LYS B 286 -31.46 0.56 46.01
N ARG B 287 -30.51 1.39 45.57
CA ARG B 287 -29.56 0.88 44.58
C ARG B 287 -28.61 -0.13 45.21
N CYS B 288 -28.10 0.17 46.40
CA CYS B 288 -27.22 -0.78 47.09
C CYS B 288 -27.94 -2.07 47.45
N GLN B 289 -29.19 -1.94 47.86
CA GLN B 289 -30.00 -3.09 48.23
C GLN B 289 -30.25 -3.96 46.99
N ALA B 290 -30.61 -3.32 45.88
CA ALA B 290 -30.77 -4.03 44.62
C ALA B 290 -29.46 -4.70 44.19
N ARG B 291 -28.36 -3.97 44.28
CA ARG B 291 -27.08 -4.52 43.79
C ARG B 291 -26.54 -5.61 44.70
N TRP B 292 -26.83 -5.50 46.01
CA TRP B 292 -26.42 -6.53 46.95
C TRP B 292 -27.19 -7.82 46.66
N LYS B 293 -28.46 -7.69 46.33
CA LYS B 293 -29.26 -8.87 46.03
C LYS B 293 -28.57 -9.63 44.89
N MET B 294 -28.15 -8.89 43.87
CA MET B 294 -27.41 -9.51 42.76
C MET B 294 -26.06 -10.12 43.20
N GLN B 295 -25.26 -9.36 43.95
CA GLN B 295 -23.98 -9.91 44.37
C GLN B 295 -24.15 -11.21 45.16
N LYS B 296 -25.16 -11.23 46.02
CA LYS B 296 -25.40 -12.36 46.90
C LYS B 296 -25.80 -13.61 46.13
N LYS B 297 -26.60 -13.44 45.08
CA LYS B 297 -26.91 -14.54 44.19
C LYS B 297 -25.66 -15.17 43.59
N TYR B 298 -24.74 -14.35 43.09
CA TYR B 298 -23.49 -14.87 42.53
C TYR B 298 -22.52 -15.36 43.61
N LEU B 299 -22.57 -14.80 44.82
CA LEU B 299 -21.76 -15.32 45.92
C LEU B 299 -22.18 -16.74 46.27
N ASP B 300 -23.49 -16.98 46.29
CA ASP B 300 -23.99 -18.31 46.57
C ASP B 300 -23.45 -19.32 45.54
N GLN B 301 -23.45 -18.94 44.27
CA GLN B 301 -22.86 -19.79 43.21
C GLN B 301 -21.35 -20.04 43.43
N ILE B 302 -20.61 -19.00 43.77
CA ILE B 302 -19.18 -19.09 44.06
C ILE B 302 -18.86 -20.03 45.23
N ASP B 303 -19.61 -19.88 46.32
CA ASP B 303 -19.37 -20.65 47.54
C ASP B 303 -19.62 -22.15 47.29
N GLU B 304 -20.60 -22.44 46.46
CA GLU B 304 -20.93 -23.80 46.01
C GLU B 304 -19.83 -24.37 45.11
N LEU B 305 -19.52 -23.63 44.04
CA LEU B 305 -18.50 -24.01 43.06
C LEU B 305 -17.10 -24.18 43.64
N TYR B 306 -16.69 -23.25 44.51
CA TYR B 306 -15.34 -23.25 45.04
C TYR B 306 -15.32 -23.56 46.53
N GLU B 307 -16.12 -24.55 46.90
CA GLU B 307 -16.19 -25.03 48.28
C GLU B 307 -14.82 -25.36 48.88
N ASP B 308 -13.91 -25.88 48.06
CA ASP B 308 -12.59 -26.22 48.59
C ASP B 308 -11.49 -25.23 48.26
N PHE B 309 -11.89 -24.02 47.88
CA PHE B 309 -10.94 -22.93 47.72
C PHE B 309 -11.01 -22.05 48.96
N HIS B 310 -9.94 -21.32 49.24
CA HIS B 310 -10.06 -20.15 50.10
C HIS B 310 -10.87 -19.09 49.36
N VAL B 311 -12.11 -18.82 49.79
CA VAL B 311 -12.90 -17.77 49.15
C VAL B 311 -12.86 -16.51 50.01
N VAL B 312 -12.17 -15.47 49.56
CA VAL B 312 -11.94 -14.30 50.41
C VAL B 312 -12.79 -13.08 50.05
N LYS B 313 -13.69 -12.67 50.94
CA LYS B 313 -14.67 -11.62 50.59
C LYS B 313 -14.25 -10.26 51.11
N MET B 314 -14.10 -9.29 50.20
CA MET B 314 -13.59 -7.97 50.55
C MET B 314 -14.67 -6.91 50.23
N PRO B 315 -14.80 -5.89 51.10
CA PRO B 315 -15.83 -4.84 50.94
C PRO B 315 -15.50 -3.80 49.89
N LEU B 316 -16.52 -3.23 49.27
CA LEU B 316 -16.36 -1.99 48.52
C LEU B 316 -16.12 -0.93 49.56
N CYS B 317 -14.99 -0.24 49.44
CA CYS B 317 -14.70 0.81 50.43
C CYS B 317 -15.35 2.10 49.99
N ALA B 318 -15.37 3.10 50.86
CA ALA B 318 -16.09 4.34 50.55
C ALA B 318 -15.31 5.33 49.67
N GLY B 319 -14.22 4.85 49.08
CA GLY B 319 -13.39 5.60 48.15
C GLY B 319 -12.38 4.63 47.53
N GLU B 320 -11.55 5.12 46.62
CA GLU B 320 -10.50 4.31 46.01
C GLU B 320 -9.46 3.99 47.10
N ILE B 321 -8.65 2.98 46.85
CA ILE B 321 -7.69 2.54 47.85
C ILE B 321 -6.26 2.79 47.34
N ARG B 322 -5.69 3.92 47.76
CA ARG B 322 -4.39 4.34 47.28
C ARG B 322 -3.49 4.80 48.41
N GLY B 323 -2.19 4.53 48.25
CA GLY B 323 -1.22 4.89 49.26
C GLY B 323 -0.98 3.72 50.20
N LEU B 324 0.23 3.69 50.78
CA LEU B 324 0.67 2.54 51.56
C LEU B 324 -0.26 2.36 52.76
N ASN B 325 -0.53 3.46 53.45
CA ASN B 325 -1.43 3.42 54.59
C ASN B 325 -2.78 2.77 54.27
N ASN B 326 -3.48 3.28 53.24
CA ASN B 326 -4.79 2.74 52.88
C ASN B 326 -4.74 1.30 52.38
N LEU B 327 -3.75 0.99 51.55
CA LEU B 327 -3.58 -0.40 51.09
C LEU B 327 -3.30 -1.33 52.26
N THR B 328 -2.50 -0.86 53.20
CA THR B 328 -2.19 -1.70 54.37
C THR B 328 -3.48 -1.97 55.15
N LYS B 329 -4.27 -0.92 55.36
CA LYS B 329 -5.50 -1.06 56.14
C LYS B 329 -6.50 -2.03 55.45
N PHE B 330 -6.61 -1.94 54.14
CA PHE B 330 -7.48 -2.84 53.38
C PHE B 330 -6.93 -4.28 53.41
N SER B 331 -5.60 -4.42 53.34
CA SER B 331 -4.95 -5.72 53.22
C SER B 331 -5.13 -6.60 54.48
N GLN B 332 -5.39 -6.00 55.64
CA GLN B 332 -5.59 -6.82 56.83
C GLN B 332 -6.68 -7.88 56.63
N PHE B 333 -7.63 -7.58 55.76
CA PHE B 333 -8.77 -8.49 55.58
C PHE B 333 -8.47 -9.65 54.64
N LEU B 334 -7.28 -9.64 54.04
CA LEU B 334 -6.78 -10.81 53.33
C LEU B 334 -6.24 -11.81 54.36
N ASN B 335 -5.91 -11.31 55.55
CA ASN B 335 -5.27 -12.12 56.59
C ASN B 335 -6.30 -12.63 57.62
N LYS B 336 -7.14 -11.73 58.11
CA LYS B 336 -8.26 -12.11 58.99
C LYS B 336 -9.54 -11.66 58.30
N GLU B 337 -10.44 -12.59 58.00
CA GLU B 337 -11.58 -12.29 57.12
C GLU B 337 -12.42 -11.10 57.59
N TYR B 338 -12.96 -10.35 56.66
CA TYR B 338 -13.77 -9.16 56.96
C TYR B 338 -15.13 -9.55 57.52
N ASN B 339 -15.52 -8.88 58.60
CA ASN B 339 -16.84 -9.12 59.18
C ASN B 339 -17.58 -7.78 59.19
N PRO B 340 -18.58 -7.64 58.32
CA PRO B 340 -19.35 -6.41 58.10
C PRO B 340 -20.03 -5.91 59.36
N ILE B 341 -20.43 -6.85 60.21
CA ILE B 341 -21.16 -6.51 61.42
C ILE B 341 -20.26 -5.81 62.42
N THR B 342 -18.98 -6.18 62.45
CA THR B 342 -18.05 -5.59 63.38
C THR B 342 -17.00 -4.69 62.72
N ASP B 343 -16.74 -4.88 61.43
CA ASP B 343 -15.64 -4.15 60.79
C ASP B 343 -16.10 -3.05 59.86
N GLY B 344 -17.41 -2.83 59.75
CA GLY B 344 -17.96 -1.98 58.70
C GLY B 344 -17.40 -0.57 58.69
N LYS B 345 -17.07 -0.06 59.87
CA LYS B 345 -16.53 1.27 60.03
C LYS B 345 -15.26 1.46 59.21
N VAL B 346 -14.53 0.37 58.97
CA VAL B 346 -13.28 0.50 58.24
C VAL B 346 -13.41 1.03 56.81
N ILE B 347 -14.55 0.86 56.18
CA ILE B 347 -14.67 1.33 54.81
C ILE B 347 -14.63 2.86 54.70
N TYR B 348 -14.83 3.55 55.82
CA TYR B 348 -14.82 5.02 55.87
C TYR B 348 -13.54 5.61 56.44
N GLU B 349 -12.53 4.76 56.66
CA GLU B 349 -11.33 5.17 57.43
C GLU B 349 -10.12 5.45 56.53
N LEU B 350 -10.34 5.43 55.22
CA LEU B 350 -9.31 5.81 54.27
C LEU B 350 -9.03 7.32 54.34
N VAL C 5 16.62 -19.81 -44.86
CA VAL C 5 16.35 -18.40 -45.19
C VAL C 5 17.48 -17.50 -44.69
N GLU C 6 18.25 -16.94 -45.63
CA GLU C 6 19.48 -16.21 -45.33
C GLU C 6 19.35 -15.07 -44.29
N PRO C 7 20.30 -15.01 -43.34
CA PRO C 7 20.29 -14.05 -42.22
C PRO C 7 20.80 -12.66 -42.62
N ASN C 8 20.35 -12.18 -43.78
CA ASN C 8 20.74 -10.86 -44.26
C ASN C 8 19.66 -10.29 -45.21
N LEU C 9 19.84 -9.05 -45.67
CA LEU C 9 18.87 -8.40 -46.55
C LEU C 9 19.41 -8.34 -47.97
N HIS C 10 20.40 -9.16 -48.28
CA HIS C 10 20.97 -9.13 -49.62
C HIS C 10 19.89 -9.23 -50.73
N SER C 11 18.88 -10.08 -50.52
CA SER C 11 17.80 -10.28 -51.52
C SER C 11 17.01 -9.00 -51.79
N LEU C 12 16.83 -8.22 -50.74
CA LEU C 12 16.05 -6.98 -50.84
C LEU C 12 16.96 -5.90 -51.42
N ILE C 13 18.22 -5.88 -50.96
CA ILE C 13 19.12 -4.82 -51.35
C ILE C 13 19.39 -4.81 -52.85
N THR C 14 19.39 -6.01 -53.45
CA THR C 14 19.59 -6.14 -54.89
C THR C 14 18.27 -6.38 -55.64
N SER C 15 17.14 -6.16 -54.98
CA SER C 15 15.86 -6.41 -55.65
C SER C 15 15.74 -5.51 -56.88
N THR C 16 15.19 -6.08 -57.97
CA THR C 16 14.95 -5.32 -59.18
C THR C 16 13.48 -4.92 -59.35
N THR C 17 12.65 -5.26 -58.37
CA THR C 17 11.21 -5.03 -58.53
C THR C 17 10.62 -4.09 -57.48
N HIS C 18 11.27 -3.99 -56.31
CA HIS C 18 10.71 -3.24 -55.17
C HIS C 18 10.71 -1.73 -55.38
N LYS C 19 9.54 -1.12 -55.16
CA LYS C 19 9.36 0.31 -55.36
C LYS C 19 9.13 1.01 -54.03
N TRP C 20 8.53 0.29 -53.10
CA TRP C 20 8.19 0.84 -51.78
C TRP C 20 8.73 -0.04 -50.64
N ILE C 21 9.63 0.49 -49.84
CA ILE C 21 10.16 -0.31 -48.73
C ILE C 21 9.94 0.43 -47.42
N PHE C 22 9.13 -0.14 -46.54
CA PHE C 22 8.87 0.49 -45.24
C PHE C 22 9.81 -0.10 -44.17
N VAL C 23 10.39 0.77 -43.33
CA VAL C 23 11.23 0.29 -42.20
C VAL C 23 10.55 0.76 -40.92
N GLY C 24 10.09 -0.17 -40.09
CA GLY C 24 9.27 0.19 -38.96
C GLY C 24 9.53 -0.67 -37.74
N GLY C 25 8.87 -0.33 -36.62
CA GLY C 25 9.02 -1.03 -35.35
C GLY C 25 8.91 -0.07 -34.17
N LYS C 26 9.19 -0.56 -32.97
CA LYS C 26 9.04 0.22 -31.75
C LYS C 26 9.99 1.41 -31.73
N GLY C 27 9.72 2.39 -30.86
CA GLY C 27 10.55 3.57 -30.78
C GLY C 27 12.00 3.25 -30.37
N GLY C 28 12.95 3.98 -30.95
CA GLY C 28 14.34 3.93 -30.53
C GLY C 28 15.11 2.64 -30.84
N VAL C 29 14.51 1.75 -31.63
CA VAL C 29 15.14 0.46 -31.90
C VAL C 29 16.20 0.54 -32.99
N GLY C 30 16.20 1.63 -33.74
CA GLY C 30 17.09 1.80 -34.88
C GLY C 30 16.43 1.86 -36.28
N LYS C 31 15.18 2.34 -36.36
CA LYS C 31 14.50 2.45 -37.67
C LYS C 31 15.22 3.44 -38.58
N THR C 32 15.53 4.62 -38.06
CA THR C 32 16.23 5.60 -38.88
C THR C 32 17.63 5.09 -39.25
N THR C 33 18.36 4.57 -38.27
CA THR C 33 19.70 4.05 -38.54
C THR C 33 19.62 2.96 -39.65
N SER C 34 18.67 2.05 -39.53
CA SER C 34 18.50 0.93 -40.48
C SER C 34 17.99 1.39 -41.86
N SER C 35 17.13 2.39 -41.91
CA SER C 35 16.58 2.81 -43.20
C SER C 35 17.65 3.62 -43.92
N CYS C 36 18.41 4.45 -43.21
CA CYS C 36 19.58 5.05 -43.84
C CYS C 36 20.48 3.94 -44.38
N SER C 37 20.70 2.90 -43.59
CA SER C 37 21.61 1.80 -44.01
C SER C 37 21.08 1.04 -45.22
N ILE C 38 19.80 0.67 -45.19
CA ILE C 38 19.23 -0.03 -46.34
C ILE C 38 19.34 0.88 -47.56
N ALA C 39 18.97 2.16 -47.42
CA ALA C 39 18.99 3.08 -48.56
C ALA C 39 20.42 3.22 -49.12
N ILE C 40 21.41 3.32 -48.25
CA ILE C 40 22.80 3.40 -48.71
C ILE C 40 23.22 2.14 -49.46
N GLN C 41 22.94 0.97 -48.88
CA GLN C 41 23.26 -0.30 -49.54
C GLN C 41 22.55 -0.44 -50.90
N MET C 42 21.29 -0.08 -50.98
CA MET C 42 20.62 -0.14 -52.29
C MET C 42 21.24 0.81 -53.32
N ALA C 43 21.50 2.04 -52.92
CA ALA C 43 22.08 3.01 -53.83
C ALA C 43 23.48 2.62 -54.33
N LEU C 44 24.33 2.12 -53.43
CA LEU C 44 25.65 1.63 -53.82
C LEU C 44 25.55 0.41 -54.72
N SER C 45 24.58 -0.45 -54.43
CA SER C 45 24.45 -1.71 -55.11
C SER C 45 23.75 -1.58 -56.48
N GLN C 46 22.95 -0.53 -56.66
CA GLN C 46 22.24 -0.31 -57.93
C GLN C 46 22.43 1.13 -58.41
N PRO C 47 23.67 1.43 -58.84
CA PRO C 47 24.12 2.75 -59.30
C PRO C 47 23.20 3.36 -60.35
N ASN C 48 22.54 2.52 -61.14
CA ASN C 48 21.69 2.98 -62.23
C ASN C 48 20.40 3.59 -61.75
N LYS C 49 20.00 3.21 -60.54
CA LYS C 49 18.70 3.57 -60.04
C LYS C 49 18.74 4.78 -59.10
N GLN C 50 17.60 5.42 -58.94
CA GLN C 50 17.49 6.62 -58.15
C GLN C 50 16.64 6.29 -56.93
N PHE C 51 17.14 6.61 -55.74
CA PHE C 51 16.48 6.24 -54.48
C PHE C 51 16.07 7.45 -53.64
N LEU C 52 14.89 7.37 -53.04
CA LEU C 52 14.46 8.40 -52.10
C LEU C 52 14.24 7.77 -50.74
N LEU C 53 14.83 8.38 -49.72
CA LEU C 53 14.58 8.03 -48.34
C LEU C 53 13.70 9.13 -47.72
N ILE C 54 12.47 8.80 -47.35
CA ILE C 54 11.57 9.81 -46.79
C ILE C 54 11.21 9.44 -45.37
N SER C 55 11.26 10.44 -44.51
CA SER C 55 10.93 10.21 -43.12
C SER C 55 9.48 10.54 -42.91
N THR C 56 8.70 9.58 -42.42
CA THR C 56 7.32 9.83 -42.07
C THR C 56 7.11 9.88 -40.56
N ASP C 57 8.20 9.94 -39.82
CA ASP C 57 8.17 10.32 -38.39
C ASP C 57 8.05 11.85 -38.28
N PRO C 58 6.95 12.35 -37.70
CA PRO C 58 6.89 13.83 -37.61
C PRO C 58 8.06 14.48 -36.87
N ALA C 59 8.68 13.76 -35.95
CA ALA C 59 9.93 14.24 -35.34
C ALA C 59 11.05 13.65 -36.20
N HIS C 60 11.40 14.33 -37.27
CA HIS C 60 12.34 13.78 -38.24
C HIS C 60 13.75 13.66 -37.64
N ASN C 61 14.48 12.62 -38.07
CA ASN C 61 15.87 12.46 -37.66
C ASN C 61 16.85 12.19 -38.80
N LEU C 62 16.41 12.27 -40.04
CA LEU C 62 17.35 12.06 -41.15
C LEU C 62 18.42 13.13 -41.22
N SER C 63 18.03 14.39 -41.03
CA SER C 63 18.98 15.49 -40.99
C SER C 63 19.95 15.27 -39.83
N ASP C 64 19.42 14.92 -38.66
CA ASP C 64 20.31 14.64 -37.51
C ASP C 64 21.30 13.49 -37.82
N ALA C 65 20.80 12.43 -38.44
CA ALA C 65 21.62 11.25 -38.74
C ALA C 65 22.74 11.55 -39.73
N PHE C 66 22.44 12.30 -40.79
CA PHE C 66 23.45 12.57 -41.81
C PHE C 66 24.29 13.79 -41.48
N GLY C 67 23.78 14.67 -40.61
CA GLY C 67 24.52 15.88 -40.29
C GLY C 67 24.43 16.93 -41.40
N GLU C 68 23.34 16.90 -42.14
CA GLU C 68 23.05 17.91 -43.16
C GLU C 68 21.54 18.19 -43.21
N LYS C 69 21.16 19.35 -43.73
CA LYS C 69 19.79 19.79 -43.57
C LYS C 69 18.90 19.35 -44.73
N PHE C 70 17.93 18.51 -44.44
CA PHE C 70 16.94 18.13 -45.45
C PHE C 70 15.63 18.89 -45.27
N GLY C 71 14.66 18.67 -46.15
CA GLY C 71 13.43 19.48 -46.14
C GLY C 71 12.33 18.84 -46.95
N LYS C 72 11.28 19.60 -47.25
CA LYS C 72 10.12 19.03 -47.94
C LYS C 72 10.49 18.73 -49.40
N ASP C 73 11.43 19.49 -49.95
CA ASP C 73 11.94 19.18 -51.27
C ASP C 73 13.13 18.19 -51.24
N ALA C 74 12.99 17.04 -51.91
CA ALA C 74 14.06 16.05 -52.00
C ALA C 74 15.41 16.68 -52.36
N ARG C 75 16.42 16.29 -51.60
CA ARG C 75 17.81 16.69 -51.86
C ARG C 75 18.73 15.48 -51.82
N LYS C 76 19.70 15.43 -52.71
CA LYS C 76 20.73 14.39 -52.70
C LYS C 76 21.51 14.40 -51.39
N VAL C 77 21.79 13.22 -50.84
CA VAL C 77 22.75 13.11 -49.73
C VAL C 77 24.14 13.49 -50.24
N THR C 78 24.79 14.46 -49.60
CA THR C 78 26.14 14.86 -50.00
C THR C 78 27.08 13.65 -50.01
N GLY C 79 27.67 13.36 -51.16
CA GLY C 79 28.54 12.20 -51.27
C GLY C 79 27.92 11.05 -52.05
N MET C 80 26.62 11.14 -52.31
CA MET C 80 25.92 10.11 -53.07
C MET C 80 25.43 10.70 -54.40
N ASN C 81 25.46 9.91 -55.45
CA ASN C 81 24.94 10.35 -56.74
C ASN C 81 23.46 10.03 -56.93
N ASN C 82 22.99 8.98 -56.25
CA ASN C 82 21.64 8.44 -56.49
C ASN C 82 20.83 8.15 -55.20
N LEU C 83 21.15 8.84 -54.12
CA LEU C 83 20.33 8.73 -52.91
C LEU C 83 19.93 10.12 -52.43
N SER C 84 18.63 10.32 -52.22
CA SER C 84 18.07 11.60 -51.75
C SER C 84 17.23 11.40 -50.48
N CYS C 85 17.12 12.45 -49.66
CA CYS C 85 16.26 12.43 -48.48
C CYS C 85 15.21 13.54 -48.54
N MET C 86 14.14 13.33 -47.79
CA MET C 86 13.06 14.29 -47.67
C MET C 86 12.48 14.23 -46.25
N GLU C 87 12.26 15.41 -45.68
CA GLU C 87 11.64 15.58 -44.37
C GLU C 87 10.54 16.64 -44.50
N ILE C 88 9.29 16.20 -44.63
CA ILE C 88 8.21 17.17 -44.88
C ILE C 88 7.80 17.83 -43.59
N ASP C 89 7.79 19.16 -43.62
CA ASP C 89 7.26 20.01 -42.55
C ASP C 89 5.83 20.43 -42.94
N PRO C 90 4.83 19.89 -42.24
CA PRO C 90 3.44 20.08 -42.69
C PRO C 90 3.03 21.54 -42.82
N SER C 91 3.38 22.38 -41.85
CA SER C 91 2.97 23.77 -41.93
C SER C 91 3.66 24.47 -43.11
N ALA C 92 4.89 24.07 -43.42
CA ALA C 92 5.59 24.66 -44.56
C ALA C 92 4.88 24.23 -45.84
N ALA C 93 4.66 22.93 -45.96
CA ALA C 93 3.96 22.36 -47.11
C ALA C 93 2.61 23.02 -47.33
N LEU C 94 1.81 23.12 -46.26
CA LEU C 94 0.46 23.67 -46.38
C LEU C 94 0.50 25.12 -46.81
N LYS C 95 1.37 25.89 -46.15
CA LYS C 95 1.56 27.29 -46.43
C LYS C 95 1.82 27.50 -47.92
N ASP C 96 2.50 26.55 -48.56
CA ASP C 96 2.76 26.61 -49.99
C ASP C 96 1.52 26.25 -50.81
N MET C 97 0.83 25.20 -50.39
CA MET C 97 -0.39 24.76 -51.08
C MET C 97 -1.44 25.87 -51.11
N ASN C 98 -1.59 26.55 -49.98
CA ASN C 98 -2.59 27.61 -49.82
C ASN C 98 -2.38 28.75 -50.81
N ASP C 99 -1.15 28.91 -51.27
CA ASP C 99 -0.85 29.94 -52.24
C ASP C 99 -1.30 29.53 -53.64
N LEU C 126 -7.81 27.61 -42.30
CA LEU C 126 -6.46 28.16 -42.27
C LEU C 126 -5.38 27.08 -42.42
N ALA C 127 -4.51 27.28 -43.41
CA ALA C 127 -3.43 26.37 -43.69
C ALA C 127 -2.61 26.02 -42.44
N ASP C 128 -2.27 27.04 -41.65
CA ASP C 128 -1.35 26.84 -40.52
C ASP C 128 -1.99 26.01 -39.41
N LEU C 129 -3.24 26.32 -39.09
CA LEU C 129 -4.03 25.53 -38.16
C LEU C 129 -4.09 24.07 -38.58
N THR C 130 -4.29 23.86 -39.87
CA THR C 130 -4.39 22.52 -40.43
C THR C 130 -3.09 21.75 -40.26
N GLY C 131 -1.96 22.47 -40.32
CA GLY C 131 -0.65 21.84 -40.22
C GLY C 131 -0.35 21.36 -38.82
N SER C 132 -1.30 21.61 -37.92
CA SER C 132 -1.18 21.25 -36.52
C SER C 132 -2.19 20.19 -36.07
N ILE C 133 -3.15 19.87 -36.94
CA ILE C 133 -4.12 18.82 -36.65
C ILE C 133 -3.49 17.41 -36.63
N PRO C 134 -3.78 16.62 -35.58
CA PRO C 134 -3.33 15.23 -35.58
C PRO C 134 -3.76 14.52 -36.87
N GLY C 135 -2.83 13.81 -37.49
CA GLY C 135 -3.11 13.15 -38.76
C GLY C 135 -2.57 13.90 -39.96
N ILE C 136 -2.34 15.20 -39.83
CA ILE C 136 -1.84 15.95 -40.98
C ILE C 136 -0.50 15.39 -41.50
N ASP C 137 0.34 14.86 -40.61
CA ASP C 137 1.62 14.27 -41.01
C ASP C 137 1.49 13.08 -41.97
N GLU C 138 0.64 12.14 -41.57
CA GLU C 138 0.30 11.02 -42.41
C GLU C 138 -0.36 11.47 -43.73
N ALA C 139 -1.30 12.42 -43.66
CA ALA C 139 -1.95 12.93 -44.86
C ALA C 139 -0.94 13.44 -45.88
N LEU C 140 0.02 14.24 -45.43
CA LEU C 140 0.99 14.81 -46.36
C LEU C 140 1.98 13.76 -46.88
N SER C 141 2.29 12.77 -46.05
CA SER C 141 3.18 11.68 -46.47
C SER C 141 2.52 10.84 -47.56
N PHE C 142 1.24 10.57 -47.38
CA PHE C 142 0.43 9.89 -48.37
C PHE C 142 0.32 10.70 -49.66
N MET C 143 0.19 12.01 -49.54
CA MET C 143 0.05 12.86 -50.72
C MET C 143 1.35 12.77 -51.50
N GLU C 144 2.47 12.63 -50.78
CA GLU C 144 3.74 12.49 -51.44
C GLU C 144 3.78 11.15 -52.22
N VAL C 145 3.29 10.08 -51.61
CA VAL C 145 3.17 8.80 -52.31
C VAL C 145 2.26 8.94 -53.56
N MET C 146 1.11 9.59 -53.39
CA MET C 146 0.22 9.73 -54.53
C MET C 146 0.87 10.53 -55.66
N LYS C 147 1.60 11.57 -55.31
CA LYS C 147 2.21 12.36 -56.36
C LYS C 147 3.27 11.54 -57.14
N HIS C 148 3.95 10.60 -56.48
CA HIS C 148 4.81 9.65 -57.20
C HIS C 148 4.05 8.59 -58.01
N ILE C 149 2.84 8.25 -57.57
CA ILE C 149 1.92 7.47 -58.40
C ILE C 149 1.46 8.28 -59.63
N LYS C 150 0.74 9.37 -59.37
CA LYS C 150 0.27 10.28 -60.43
C LYS C 150 1.37 10.53 -61.46
N ARG C 151 2.55 10.88 -60.96
CA ARG C 151 3.69 11.19 -61.81
C ARG C 151 4.45 9.92 -62.21
N GLN C 152 3.83 9.12 -63.08
CA GLN C 152 4.42 7.83 -63.46
C GLN C 152 3.47 7.09 -64.40
N THR C 159 10.72 9.76 -61.74
CA THR C 159 11.63 10.38 -60.79
C THR C 159 12.44 9.33 -60.04
N PHE C 160 11.94 8.90 -58.89
CA PHE C 160 12.62 7.86 -58.09
C PHE C 160 12.15 6.45 -58.42
N ASP C 161 13.10 5.54 -58.58
CA ASP C 161 12.79 4.14 -58.83
C ASP C 161 12.26 3.47 -57.56
N THR C 162 12.86 3.81 -56.43
CA THR C 162 12.50 3.17 -55.18
C THR C 162 12.41 4.18 -54.05
N VAL C 163 11.39 4.03 -53.22
CA VAL C 163 11.22 4.87 -52.05
C VAL C 163 11.34 4.04 -50.75
N ILE C 164 12.17 4.52 -49.85
CA ILE C 164 12.30 3.87 -48.54
C ILE C 164 11.72 4.80 -47.47
N PHE C 165 10.81 4.27 -46.66
CA PHE C 165 10.16 5.03 -45.62
C PHE C 165 10.79 4.71 -44.27
N ASP C 166 11.38 5.72 -43.67
CA ASP C 166 11.85 5.66 -42.29
C ASP C 166 10.62 6.08 -41.45
N THR C 167 9.93 5.12 -40.87
CA THR C 167 8.61 5.42 -40.36
C THR C 167 8.61 5.87 -38.90
N ALA C 168 7.49 6.45 -38.49
CA ALA C 168 7.26 6.72 -37.08
C ALA C 168 7.13 5.40 -36.34
N PRO C 169 7.22 5.45 -35.01
CA PRO C 169 7.04 4.21 -34.30
C PRO C 169 5.70 3.54 -34.59
N THR C 170 5.70 2.25 -34.29
CA THR C 170 4.66 1.30 -34.62
C THR C 170 3.23 1.82 -34.78
N GLY C 171 2.72 2.42 -33.71
CA GLY C 171 1.29 2.71 -33.62
C GLY C 171 0.78 3.64 -34.71
N HIS C 172 1.51 4.72 -34.93
CA HIS C 172 1.08 5.70 -35.93
C HIS C 172 1.42 5.23 -37.35
N THR C 173 2.42 4.36 -37.49
CA THR C 173 2.72 3.81 -38.80
C THR C 173 1.63 2.84 -39.30
N LEU C 174 1.00 2.12 -38.38
CA LEU C 174 -0.13 1.27 -38.76
C LEU C 174 -1.27 2.13 -39.32
N ARG C 175 -1.47 3.30 -38.75
CA ARG C 175 -2.49 4.21 -39.26
C ARG C 175 -2.12 4.66 -40.66
N PHE C 176 -0.84 4.91 -40.88
CA PHE C 176 -0.43 5.35 -42.21
C PHE C 176 -0.68 4.28 -43.27
N LEU C 177 -0.31 3.03 -42.97
CA LEU C 177 -0.46 1.92 -43.90
C LEU C 177 -1.91 1.55 -44.18
N GLN C 178 -2.79 1.96 -43.27
CA GLN C 178 -4.22 1.74 -43.47
C GLN C 178 -4.85 2.84 -44.33
N LEU C 179 -4.14 3.94 -44.52
CA LEU C 179 -4.75 5.08 -45.24
C LEU C 179 -5.37 4.70 -46.61
N PRO C 180 -4.65 3.92 -47.45
CA PRO C 180 -5.29 3.52 -48.73
C PRO C 180 -6.65 2.86 -48.53
N ASN C 181 -6.77 1.90 -47.62
CA ASN C 181 -8.10 1.32 -47.36
C ASN C 181 -9.04 2.38 -46.83
N THR C 182 -8.58 3.13 -45.84
CA THR C 182 -9.41 4.18 -45.21
C THR C 182 -9.99 5.17 -46.22
N LEU C 183 -9.14 5.79 -47.03
CA LEU C 183 -9.59 6.76 -48.03
C LEU C 183 -10.56 6.11 -49.00
N SER C 184 -10.23 4.89 -49.42
CA SER C 184 -11.08 4.11 -50.30
C SER C 184 -12.52 4.04 -49.79
N LYS C 185 -12.69 3.60 -48.55
CA LYS C 185 -14.03 3.42 -47.99
C LYS C 185 -14.73 4.75 -47.77
N LEU C 186 -13.98 5.77 -47.35
CA LEU C 186 -14.58 7.09 -47.15
C LEU C 186 -15.08 7.68 -48.45
N LEU C 187 -14.22 7.71 -49.47
CA LEU C 187 -14.60 8.13 -50.82
C LEU C 187 -15.77 7.27 -51.31
N GLU C 188 -15.70 5.96 -51.03
CA GLU C 188 -16.80 5.07 -51.37
C GLU C 188 -18.08 5.52 -50.70
N SER C 213 -15.05 15.92 -58.28
CA SER C 213 -15.80 15.04 -59.14
C SER C 213 -14.85 14.12 -59.91
N GLY C 214 -14.52 14.52 -61.13
CA GLY C 214 -13.49 13.84 -61.90
C GLY C 214 -12.20 13.88 -61.10
N LYS C 215 -12.07 14.90 -60.24
CA LYS C 215 -10.92 15.02 -59.37
C LYS C 215 -11.09 14.14 -58.12
N LEU C 216 -12.34 13.84 -57.79
CA LEU C 216 -12.65 12.95 -56.68
C LEU C 216 -12.46 11.51 -57.14
N ASN C 217 -12.95 11.25 -58.35
CA ASN C 217 -12.69 10.02 -59.07
C ASN C 217 -11.19 9.83 -59.28
N GLU C 218 -10.48 10.92 -59.49
CA GLU C 218 -9.04 10.86 -59.68
C GLU C 218 -8.37 10.45 -58.37
N LEU C 219 -8.86 11.01 -57.27
CA LEU C 219 -8.32 10.69 -55.97
C LEU C 219 -8.60 9.20 -55.73
N LYS C 220 -9.81 8.76 -56.10
CA LYS C 220 -10.25 7.38 -55.87
C LYS C 220 -9.37 6.35 -56.60
N ALA C 221 -9.13 6.61 -57.88
CA ALA C 221 -8.33 5.71 -58.68
C ALA C 221 -6.93 5.60 -58.12
N ASN C 222 -6.34 6.74 -57.77
CA ASN C 222 -4.99 6.74 -57.25
C ASN C 222 -4.84 5.96 -55.93
N VAL C 223 -5.83 6.06 -55.03
CA VAL C 223 -5.69 5.31 -53.78
C VAL C 223 -5.86 3.80 -53.98
N GLU C 224 -6.74 3.41 -54.89
CA GLU C 224 -6.89 2.00 -55.27
C GLU C 224 -5.59 1.50 -55.84
N THR C 225 -4.95 2.32 -56.66
CA THR C 225 -3.68 1.95 -57.24
C THR C 225 -2.60 1.76 -56.16
N ILE C 226 -2.57 2.63 -55.14
CA ILE C 226 -1.62 2.48 -54.06
C ILE C 226 -1.94 1.23 -53.28
N ARG C 227 -3.20 1.02 -52.98
CA ARG C 227 -3.64 -0.14 -52.23
C ARG C 227 -3.16 -1.42 -52.90
N GLN C 228 -3.28 -1.47 -54.22
CA GLN C 228 -2.82 -2.62 -55.00
C GLN C 228 -1.30 -2.77 -54.97
N GLN C 229 -0.57 -1.67 -55.12
CA GLN C 229 0.89 -1.77 -55.07
C GLN C 229 1.39 -2.17 -53.67
N PHE C 230 0.82 -1.56 -52.63
CA PHE C 230 1.25 -1.83 -51.25
C PHE C 230 1.03 -3.29 -50.86
N THR C 231 0.07 -3.93 -51.52
CA THR C 231 -0.29 -5.30 -51.21
C THR C 231 0.32 -6.29 -52.22
N ASP C 232 1.28 -5.82 -53.01
CA ASP C 232 1.96 -6.68 -53.99
C ASP C 232 3.38 -7.02 -53.49
N PRO C 233 3.62 -8.28 -53.12
CA PRO C 233 4.88 -8.60 -52.41
C PRO C 233 6.14 -8.29 -53.24
N ASP C 234 6.01 -8.21 -54.56
CA ASP C 234 7.15 -7.87 -55.41
C ASP C 234 7.44 -6.37 -55.44
N LEU C 235 6.42 -5.57 -55.11
CA LEU C 235 6.53 -4.11 -55.17
C LEU C 235 6.78 -3.49 -53.80
N THR C 236 6.20 -4.08 -52.77
CA THR C 236 6.18 -3.48 -51.45
C THR C 236 6.53 -4.48 -50.35
N THR C 237 7.37 -4.06 -49.42
CA THR C 237 7.65 -4.94 -48.30
C THR C 237 7.90 -4.09 -47.08
N PHE C 238 7.73 -4.68 -45.90
CA PHE C 238 7.92 -3.98 -44.64
C PHE C 238 9.08 -4.68 -43.92
N VAL C 239 10.13 -3.94 -43.54
CA VAL C 239 11.22 -4.52 -42.75
C VAL C 239 11.04 -4.11 -41.27
N CYS C 240 10.85 -5.08 -40.38
CA CYS C 240 10.76 -4.77 -38.95
C CYS C 240 12.13 -4.62 -38.32
N VAL C 241 12.24 -3.68 -37.40
CA VAL C 241 13.43 -3.53 -36.59
C VAL C 241 13.01 -3.66 -35.13
N CYS C 242 13.82 -4.33 -34.33
CA CYS C 242 13.47 -4.54 -32.93
C CYS C 242 14.75 -4.65 -32.11
N ILE C 243 14.60 -4.60 -30.78
CA ILE C 243 15.68 -4.97 -29.86
C ILE C 243 15.28 -6.23 -29.11
N SER C 244 16.26 -6.98 -28.63
CA SER C 244 15.94 -8.25 -28.03
C SER C 244 15.57 -8.03 -26.58
N GLU C 245 14.39 -7.43 -26.35
CA GLU C 245 13.89 -7.16 -25.01
C GLU C 245 12.37 -7.40 -25.04
N PHE C 246 11.78 -7.66 -23.90
CA PHE C 246 10.36 -8.02 -23.84
C PHE C 246 9.44 -7.02 -24.55
N LEU C 247 9.56 -5.74 -24.20
CA LEU C 247 8.62 -4.73 -24.72
C LEU C 247 8.73 -4.63 -26.22
N SER C 248 9.96 -4.69 -26.74
CA SER C 248 10.14 -4.64 -28.18
C SER C 248 9.66 -5.93 -28.88
N LEU C 249 10.02 -7.09 -28.35
CA LEU C 249 9.66 -8.35 -29.02
C LEU C 249 8.14 -8.46 -29.17
N TYR C 250 7.41 -8.17 -28.11
CA TYR C 250 5.96 -8.32 -28.10
C TYR C 250 5.29 -7.30 -28.98
N GLU C 251 5.79 -6.07 -28.96
CA GLU C 251 5.27 -5.06 -29.84
C GLU C 251 5.46 -5.46 -31.31
N THR C 252 6.64 -5.97 -31.63
CA THR C 252 6.96 -6.41 -32.98
C THR C 252 6.06 -7.55 -33.44
N GLU C 253 5.80 -8.53 -32.57
CA GLU C 253 4.90 -9.64 -32.91
C GLU C 253 3.50 -9.09 -33.23
N ARG C 254 3.01 -8.18 -32.40
CA ARG C 254 1.69 -7.54 -32.65
C ARG C 254 1.65 -6.80 -33.99
N LEU C 255 2.72 -6.08 -34.30
CA LEU C 255 2.86 -5.34 -35.52
C LEU C 255 2.83 -6.30 -36.72
N ILE C 256 3.60 -7.40 -36.66
CA ILE C 256 3.67 -8.34 -37.78
C ILE C 256 2.30 -8.98 -38.05
N GLN C 257 1.60 -9.34 -36.99
CA GLN C 257 0.26 -9.90 -37.12
C GLN C 257 -0.67 -8.91 -37.84
N GLU C 258 -0.57 -7.64 -37.45
CA GLU C 258 -1.42 -6.62 -38.03
C GLU C 258 -1.09 -6.46 -39.53
N LEU C 259 0.19 -6.35 -39.85
CA LEU C 259 0.64 -6.23 -41.24
C LEU C 259 0.18 -7.41 -42.12
N ILE C 260 0.30 -8.63 -41.61
CA ILE C 260 -0.16 -9.78 -42.36
C ILE C 260 -1.66 -9.62 -42.62
N SER C 261 -2.41 -9.15 -41.64
CA SER C 261 -3.84 -8.98 -41.81
C SER C 261 -4.19 -7.87 -42.82
N TYR C 262 -3.29 -6.91 -43.00
CA TYR C 262 -3.42 -5.88 -44.04
C TYR C 262 -2.99 -6.41 -45.41
N ASP C 263 -2.58 -7.68 -45.46
CA ASP C 263 -2.01 -8.27 -46.68
C ASP C 263 -0.77 -7.55 -47.23
N MET C 264 0.02 -7.02 -46.30
CA MET C 264 1.31 -6.38 -46.58
C MET C 264 2.43 -7.40 -46.33
N ASP C 265 3.39 -7.46 -47.24
CA ASP C 265 4.46 -8.46 -47.15
C ASP C 265 5.43 -8.08 -46.03
N VAL C 266 5.70 -9.02 -45.13
CA VAL C 266 6.75 -8.80 -44.15
C VAL C 266 7.57 -10.08 -44.04
N ASN C 267 8.85 -9.95 -44.33
CA ASN C 267 9.70 -11.11 -44.53
C ASN C 267 11.07 -10.98 -43.85
N SER C 268 11.27 -9.84 -43.19
CA SER C 268 12.59 -9.49 -42.67
C SER C 268 12.47 -8.80 -41.32
N ILE C 269 13.41 -9.12 -40.44
CA ILE C 269 13.46 -8.54 -39.10
C ILE C 269 14.90 -8.22 -38.73
N ILE C 270 15.18 -6.96 -38.46
CA ILE C 270 16.50 -6.56 -38.01
C ILE C 270 16.50 -6.57 -36.49
N VAL C 271 17.34 -7.38 -35.85
CA VAL C 271 17.47 -7.33 -34.41
C VAL C 271 18.70 -6.51 -34.08
N ASN C 272 18.52 -5.35 -33.47
CA ASN C 272 19.61 -4.38 -33.42
C ASN C 272 20.15 -4.26 -31.99
N GLN C 273 21.29 -3.58 -31.82
CA GLN C 273 21.83 -3.28 -30.49
C GLN C 273 22.22 -4.54 -29.68
N LEU C 274 22.57 -5.62 -30.37
CA LEU C 274 22.90 -6.85 -29.68
C LEU C 274 24.33 -6.72 -29.13
N LEU C 275 24.54 -7.17 -27.91
CA LEU C 275 25.87 -7.11 -27.27
C LEU C 275 26.81 -8.22 -27.73
N PHE C 276 26.27 -9.40 -28.05
CA PHE C 276 27.09 -10.62 -28.25
C PHE C 276 28.25 -10.72 -27.26
N ALA C 277 27.95 -10.81 -25.97
CA ALA C 277 28.99 -10.81 -24.95
C ALA C 277 29.99 -11.99 -25.05
N CYS C 285 32.98 -7.35 -17.95
CA CYS C 285 32.03 -6.32 -17.52
C CYS C 285 30.71 -6.96 -17.15
N LYS C 286 30.43 -6.96 -15.86
CA LYS C 286 29.25 -7.62 -15.30
C LYS C 286 27.94 -7.09 -15.93
N ARG C 287 27.87 -5.79 -16.16
CA ARG C 287 26.63 -5.25 -16.72
C ARG C 287 26.37 -5.81 -18.12
N CYS C 288 27.40 -5.81 -18.97
CA CYS C 288 27.28 -6.38 -20.32
C CYS C 288 26.97 -7.87 -20.32
N GLN C 289 27.58 -8.64 -19.41
CA GLN C 289 27.26 -10.06 -19.26
C GLN C 289 25.79 -10.36 -18.87
N ALA C 290 25.27 -9.65 -17.87
CA ALA C 290 23.85 -9.80 -17.53
C ALA C 290 22.93 -9.37 -18.68
N ARG C 291 23.22 -8.23 -19.31
CA ARG C 291 22.35 -7.73 -20.37
C ARG C 291 22.36 -8.67 -21.59
N TRP C 292 23.52 -9.24 -21.92
CA TRP C 292 23.57 -10.23 -22.99
C TRP C 292 22.76 -11.47 -22.62
N LYS C 293 22.83 -11.92 -21.37
CA LYS C 293 22.08 -13.09 -20.97
C LYS C 293 20.61 -12.83 -21.29
N MET C 294 20.13 -11.65 -20.92
CA MET C 294 18.77 -11.26 -21.29
C MET C 294 18.53 -11.24 -22.80
N GLN C 295 19.40 -10.56 -23.56
CA GLN C 295 19.18 -10.46 -25.00
C GLN C 295 19.11 -11.85 -25.63
N LYS C 296 19.98 -12.76 -25.19
CA LYS C 296 20.04 -14.11 -25.72
C LYS C 296 18.73 -14.89 -25.53
N LYS C 297 18.16 -14.81 -24.33
CA LYS C 297 16.86 -15.41 -24.05
C LYS C 297 15.77 -14.95 -25.04
N TYR C 298 15.71 -13.66 -25.34
CA TYR C 298 14.69 -13.21 -26.28
C TYR C 298 15.13 -13.54 -27.72
N LEU C 299 16.43 -13.63 -27.95
CA LEU C 299 16.93 -13.93 -29.30
C LEU C 299 16.56 -15.35 -29.69
N ASP C 300 16.62 -16.26 -28.72
CA ASP C 300 16.16 -17.64 -28.91
C ASP C 300 14.68 -17.66 -29.34
N GLN C 301 13.85 -16.89 -28.64
CA GLN C 301 12.44 -16.78 -29.01
C GLN C 301 12.25 -16.25 -30.43
N ILE C 302 12.99 -15.20 -30.78
CA ILE C 302 12.96 -14.65 -32.14
C ILE C 302 13.31 -15.72 -33.21
N ASP C 303 14.24 -16.60 -32.88
CA ASP C 303 14.63 -17.66 -33.80
C ASP C 303 13.52 -18.69 -34.02
N GLU C 304 12.78 -19.01 -32.96
CA GLU C 304 11.65 -19.92 -33.07
C GLU C 304 10.53 -19.26 -33.86
N LEU C 305 10.16 -18.05 -33.43
CA LEU C 305 9.03 -17.33 -33.99
C LEU C 305 9.22 -17.06 -35.49
N TYR C 306 10.42 -16.61 -35.85
CA TYR C 306 10.64 -16.03 -37.17
C TYR C 306 11.58 -16.87 -38.04
N GLU C 307 11.45 -18.17 -37.88
CA GLU C 307 12.23 -19.15 -38.62
C GLU C 307 12.18 -18.88 -40.13
N ASP C 308 10.99 -18.55 -40.62
CA ASP C 308 10.77 -18.35 -42.05
C ASP C 308 11.14 -16.94 -42.55
N PHE C 309 11.57 -16.08 -41.64
CA PHE C 309 11.95 -14.71 -42.01
C PHE C 309 13.47 -14.59 -42.21
N HIS C 310 13.90 -13.57 -42.96
CA HIS C 310 15.29 -13.14 -42.94
C HIS C 310 15.51 -12.45 -41.59
N VAL C 311 16.20 -13.08 -40.65
CA VAL C 311 16.50 -12.33 -39.42
C VAL C 311 17.95 -11.89 -39.35
N VAL C 312 18.15 -10.59 -39.23
CA VAL C 312 19.46 -9.99 -39.38
C VAL C 312 19.90 -9.45 -38.03
N LYS C 313 20.97 -10.01 -37.48
CA LYS C 313 21.39 -9.65 -36.14
C LYS C 313 22.50 -8.60 -36.20
N MET C 314 22.25 -7.42 -35.63
CA MET C 314 23.23 -6.32 -35.69
C MET C 314 23.77 -6.00 -34.28
N PRO C 315 25.09 -5.72 -34.19
CA PRO C 315 25.73 -5.37 -32.91
C PRO C 315 25.52 -3.93 -32.44
N LEU C 316 25.47 -3.76 -31.13
CA LEU C 316 25.66 -2.45 -30.51
C LEU C 316 27.10 -2.00 -30.76
N CYS C 317 27.26 -0.84 -31.36
CA CYS C 317 28.58 -0.27 -31.63
C CYS C 317 29.06 0.63 -30.49
N ALA C 318 30.34 0.96 -30.48
CA ALA C 318 30.93 1.72 -29.38
C ALA C 318 30.64 3.21 -29.40
N GLY C 319 29.64 3.62 -30.18
CA GLY C 319 29.23 5.00 -30.24
C GLY C 319 28.01 5.12 -31.13
N GLU C 320 27.44 6.31 -31.22
CA GLU C 320 26.29 6.51 -32.09
C GLU C 320 26.70 6.37 -33.56
N ILE C 321 25.74 6.12 -34.45
CA ILE C 321 26.05 5.94 -35.85
C ILE C 321 25.57 7.15 -36.66
N ARG C 322 26.46 8.09 -36.98
CA ARG C 322 26.09 9.32 -37.72
C ARG C 322 27.03 9.65 -38.88
N GLY C 323 26.52 10.26 -39.93
CA GLY C 323 27.35 10.67 -41.06
C GLY C 323 27.40 9.56 -42.07
N LEU C 324 27.58 9.91 -43.33
CA LEU C 324 27.54 8.91 -44.40
C LEU C 324 28.61 7.83 -44.19
N ASN C 325 29.80 8.24 -43.78
CA ASN C 325 30.90 7.29 -43.57
C ASN C 325 30.51 6.19 -42.59
N ASN C 326 30.11 6.59 -41.39
CA ASN C 326 29.80 5.64 -40.35
C ASN C 326 28.53 4.86 -40.62
N LEU C 327 27.52 5.51 -41.17
CA LEU C 327 26.33 4.79 -41.60
C LEU C 327 26.64 3.75 -42.67
N THR C 328 27.49 4.11 -43.64
CA THR C 328 27.86 3.17 -44.71
C THR C 328 28.59 1.97 -44.08
N LYS C 329 29.51 2.29 -43.18
CA LYS C 329 30.26 1.23 -42.48
C LYS C 329 29.34 0.26 -41.69
N PHE C 330 28.35 0.78 -40.99
CA PHE C 330 27.36 -0.08 -40.31
C PHE C 330 26.48 -0.86 -41.30
N SER C 331 26.12 -0.22 -42.41
CA SER C 331 25.18 -0.80 -43.37
C SER C 331 25.68 -2.07 -44.06
N GLN C 332 26.98 -2.26 -44.12
CA GLN C 332 27.50 -3.45 -44.77
C GLN C 332 26.94 -4.73 -44.18
N PHE C 333 26.64 -4.69 -42.88
CA PHE C 333 26.17 -5.88 -42.18
C PHE C 333 24.70 -6.25 -42.39
N LEU C 334 23.94 -5.38 -43.08
CA LEU C 334 22.65 -5.79 -43.61
C LEU C 334 22.81 -6.62 -44.89
N ASN C 335 23.93 -6.44 -45.57
CA ASN C 335 24.19 -7.11 -46.84
C ASN C 335 24.90 -8.47 -46.63
N LYS C 336 26.05 -8.46 -45.99
CA LYS C 336 26.72 -9.69 -45.51
C LYS C 336 26.72 -9.64 -44.00
N GLU C 337 26.10 -10.63 -43.35
CA GLU C 337 25.76 -10.50 -41.94
C GLU C 337 27.01 -10.38 -41.05
N TYR C 338 26.88 -9.61 -39.98
CA TYR C 338 27.94 -9.42 -39.00
C TYR C 338 28.46 -10.79 -38.47
N ASN C 339 29.78 -10.92 -38.44
CA ASN C 339 30.46 -12.12 -37.93
C ASN C 339 31.52 -11.64 -36.95
N PRO C 340 31.36 -11.93 -35.65
CA PRO C 340 32.32 -11.49 -34.62
C PRO C 340 33.74 -12.00 -34.95
N ILE C 341 33.84 -13.20 -35.49
CA ILE C 341 35.15 -13.72 -35.88
C ILE C 341 35.89 -12.78 -36.83
N THR C 342 35.20 -12.27 -37.84
CA THR C 342 35.87 -11.48 -38.88
C THR C 342 35.63 -9.96 -38.75
N ASP C 343 34.56 -9.55 -38.08
CA ASP C 343 34.13 -8.16 -38.13
C ASP C 343 34.19 -7.44 -36.78
N GLY C 344 34.62 -8.12 -35.74
CA GLY C 344 34.57 -7.59 -34.39
C GLY C 344 35.19 -6.22 -34.19
N LYS C 345 36.31 -5.98 -34.87
CA LYS C 345 37.01 -4.68 -34.73
C LYS C 345 36.14 -3.51 -35.17
N VAL C 346 35.27 -3.76 -36.11
CA VAL C 346 34.44 -2.70 -36.70
C VAL C 346 33.56 -1.94 -35.69
N ILE C 347 32.90 -2.67 -34.79
CA ILE C 347 32.16 -2.08 -33.67
C ILE C 347 32.92 -0.92 -33.00
N TYR C 348 34.24 -1.02 -32.94
CA TYR C 348 35.04 -0.05 -32.19
C TYR C 348 35.49 1.15 -33.03
N GLU C 349 35.38 1.03 -34.35
CA GLU C 349 35.67 2.15 -35.25
C GLU C 349 34.61 3.28 -35.19
N LEU C 350 33.49 3.01 -34.54
CA LEU C 350 32.44 4.03 -34.41
C LEU C 350 32.60 4.94 -33.17
N GLU C 351 33.58 4.70 -32.31
CA GLU C 351 33.74 5.56 -31.13
C GLU C 351 33.77 7.05 -31.51
N VAL D 5 18.49 24.05 -7.98
CA VAL D 5 17.56 23.15 -8.67
C VAL D 5 18.01 21.70 -8.49
N GLU D 6 17.35 20.99 -7.58
CA GLU D 6 17.84 19.68 -7.15
C GLU D 6 17.70 18.66 -8.28
N PRO D 7 18.70 17.76 -8.41
CA PRO D 7 18.72 16.81 -9.53
C PRO D 7 17.79 15.62 -9.30
N ASN D 8 16.50 15.90 -9.06
CA ASN D 8 15.50 14.88 -8.77
C ASN D 8 14.10 15.44 -8.98
N LEU D 9 13.08 14.58 -8.84
CA LEU D 9 11.69 15.00 -9.04
C LEU D 9 10.92 15.11 -7.73
N HIS D 10 11.63 15.35 -6.64
CA HIS D 10 10.98 15.32 -5.34
C HIS D 10 9.89 16.38 -5.23
N SER D 11 10.13 17.60 -5.71
CA SER D 11 9.07 18.62 -5.74
C SER D 11 7.82 18.10 -6.47
N LEU D 12 8.01 17.44 -7.61
CA LEU D 12 6.85 17.00 -8.40
C LEU D 12 6.13 15.81 -7.73
N ILE D 13 6.91 14.85 -7.27
CA ILE D 13 6.39 13.67 -6.61
C ILE D 13 5.56 14.01 -5.37
N THR D 14 5.95 15.07 -4.66
CA THR D 14 5.20 15.45 -3.44
C THR D 14 4.30 16.67 -3.67
N SER D 15 4.06 17.01 -4.93
CA SER D 15 3.20 18.14 -5.24
C SER D 15 1.74 17.90 -4.86
N THR D 16 1.07 18.95 -4.37
CA THR D 16 -0.34 18.87 -4.03
C THR D 16 -1.22 19.78 -4.90
N THR D 17 -0.72 20.14 -6.08
CA THR D 17 -1.52 20.94 -7.00
C THR D 17 -1.64 20.28 -8.37
N HIS D 18 -0.70 19.43 -8.72
CA HIS D 18 -0.65 18.90 -10.07
C HIS D 18 -1.77 17.91 -10.37
N LYS D 19 -2.45 18.13 -11.49
CA LYS D 19 -3.53 17.27 -11.93
C LYS D 19 -3.15 16.53 -13.19
N TRP D 20 -2.29 17.16 -14.00
CA TRP D 20 -1.92 16.62 -15.29
C TRP D 20 -0.39 16.56 -15.47
N ILE D 21 0.15 15.37 -15.59
CA ILE D 21 1.59 15.24 -15.80
C ILE D 21 1.92 14.44 -17.04
N PHE D 22 2.58 15.11 -17.99
CA PHE D 22 2.98 14.46 -19.23
C PHE D 22 4.43 13.98 -19.15
N VAL D 23 4.65 12.76 -19.60
CA VAL D 23 6.01 12.21 -19.66
C VAL D 23 6.26 11.90 -21.11
N GLY D 24 7.16 12.63 -21.77
CA GLY D 24 7.41 12.42 -23.17
C GLY D 24 8.87 12.48 -23.59
N GLY D 25 9.11 12.38 -24.90
CA GLY D 25 10.48 12.29 -25.40
C GLY D 25 10.56 11.36 -26.60
N LYS D 26 11.76 11.26 -27.16
CA LYS D 26 12.02 10.42 -28.33
C LYS D 26 11.65 8.96 -28.10
N GLY D 27 11.48 8.22 -29.18
CA GLY D 27 11.16 6.80 -29.09
C GLY D 27 12.22 6.04 -28.29
N GLY D 28 11.78 5.11 -27.47
CA GLY D 28 12.65 4.14 -26.81
C GLY D 28 13.56 4.65 -25.72
N VAL D 29 13.40 5.92 -25.32
CA VAL D 29 14.26 6.51 -24.28
C VAL D 29 13.95 6.06 -22.86
N GLY D 30 12.74 5.54 -22.67
CA GLY D 30 12.24 5.21 -21.34
C GLY D 30 11.05 6.04 -20.83
N LYS D 31 10.15 6.51 -21.72
CA LYS D 31 8.93 7.22 -21.29
C LYS D 31 8.03 6.33 -20.43
N THR D 32 7.73 5.13 -20.92
CA THR D 32 6.84 4.23 -20.22
C THR D 32 7.49 3.81 -18.88
N THR D 33 8.79 3.51 -18.93
CA THR D 33 9.49 3.08 -17.73
C THR D 33 9.46 4.23 -16.72
N SER D 34 9.77 5.44 -17.17
CA SER D 34 9.81 6.60 -16.32
C SER D 34 8.42 7.01 -15.82
N SER D 35 7.41 6.93 -16.70
CA SER D 35 6.06 7.37 -16.28
C SER D 35 5.49 6.40 -15.23
N CYS D 36 5.67 5.09 -15.42
CA CYS D 36 5.36 4.13 -14.35
C CYS D 36 6.11 4.46 -13.04
N SER D 37 7.40 4.80 -13.16
CA SER D 37 8.22 5.15 -11.99
C SER D 37 7.76 6.42 -11.27
N ILE D 38 7.45 7.45 -12.06
CA ILE D 38 6.93 8.69 -11.50
C ILE D 38 5.61 8.37 -10.77
N ALA D 39 4.73 7.61 -11.44
CA ALA D 39 3.40 7.34 -10.88
C ALA D 39 3.47 6.55 -9.57
N ILE D 40 4.36 5.58 -9.52
CA ILE D 40 4.59 4.80 -8.31
C ILE D 40 5.17 5.65 -7.17
N GLN D 41 6.14 6.50 -7.47
CA GLN D 41 6.67 7.44 -6.47
C GLN D 41 5.55 8.35 -5.95
N MET D 42 4.71 8.85 -6.84
CA MET D 42 3.61 9.69 -6.38
C MET D 42 2.59 8.92 -5.56
N ALA D 43 2.22 7.73 -6.02
CA ALA D 43 1.16 6.97 -5.34
C ALA D 43 1.64 6.62 -3.94
N LEU D 44 2.90 6.20 -3.83
CA LEU D 44 3.46 5.79 -2.54
C LEU D 44 3.54 6.93 -1.52
N SER D 45 3.87 8.14 -1.99
CA SER D 45 4.08 9.26 -1.06
C SER D 45 2.86 10.15 -0.90
N GLN D 46 1.78 9.84 -1.63
CA GLN D 46 0.51 10.51 -1.46
C GLN D 46 -0.60 9.46 -1.43
N PRO D 47 -0.62 8.66 -0.35
CA PRO D 47 -1.56 7.55 -0.13
C PRO D 47 -3.03 7.99 -0.14
N ASN D 48 -3.27 9.27 0.10
CA ASN D 48 -4.65 9.76 0.24
C ASN D 48 -5.20 10.28 -1.08
N LYS D 49 -4.36 10.34 -2.10
CA LYS D 49 -4.81 10.76 -3.42
C LYS D 49 -4.88 9.57 -4.38
N GLN D 50 -5.54 9.72 -5.50
CA GLN D 50 -5.72 8.60 -6.40
C GLN D 50 -5.13 8.90 -7.77
N PHE D 51 -4.32 7.98 -8.28
CA PHE D 51 -3.57 8.26 -9.50
C PHE D 51 -3.97 7.37 -10.69
N LEU D 52 -3.99 7.96 -11.89
CA LEU D 52 -4.31 7.26 -13.12
C LEU D 52 -3.15 7.44 -14.08
N LEU D 53 -2.54 6.33 -14.47
CA LEU D 53 -1.54 6.32 -15.54
C LEU D 53 -2.24 5.99 -16.86
N ILE D 54 -2.23 6.92 -17.80
CA ILE D 54 -2.87 6.63 -19.08
C ILE D 54 -1.84 6.62 -20.18
N SER D 55 -1.86 5.58 -21.00
CA SER D 55 -0.96 5.53 -22.15
C SER D 55 -1.67 6.09 -23.38
N THR D 56 -1.08 7.12 -23.98
CA THR D 56 -1.59 7.67 -25.22
C THR D 56 -0.75 7.23 -26.42
N ASP D 57 0.12 6.26 -26.20
CA ASP D 57 0.88 5.67 -27.30
C ASP D 57 -0.03 4.61 -27.92
N PRO D 58 -0.39 4.76 -29.21
CA PRO D 58 -1.30 3.72 -29.74
C PRO D 58 -0.65 2.34 -29.68
N ALA D 59 0.68 2.25 -29.69
CA ALA D 59 1.29 0.96 -29.43
C ALA D 59 1.56 0.91 -27.93
N HIS D 60 0.60 0.36 -27.16
CA HIS D 60 0.66 0.47 -25.71
C HIS D 60 1.63 -0.49 -25.12
N ASN D 61 2.31 -0.05 -24.05
CA ASN D 61 3.24 -0.94 -23.33
C ASN D 61 3.04 -0.96 -21.82
N LEU D 62 1.98 -0.35 -21.30
CA LEU D 62 1.78 -0.40 -19.84
C LEU D 62 1.49 -1.82 -19.33
N SER D 63 0.64 -2.59 -20.03
CA SER D 63 0.46 -3.99 -19.67
C SER D 63 1.79 -4.77 -19.74
N ASP D 64 2.53 -4.57 -20.84
CA ASP D 64 3.85 -5.20 -20.97
C ASP D 64 4.76 -4.87 -19.80
N ALA D 65 4.77 -3.60 -19.38
CA ALA D 65 5.70 -3.13 -18.34
C ALA D 65 5.40 -3.70 -16.97
N PHE D 66 4.11 -3.72 -16.58
CA PHE D 66 3.72 -4.27 -15.29
C PHE D 66 3.57 -5.78 -15.37
N GLY D 67 3.38 -6.29 -16.59
CA GLY D 67 3.15 -7.71 -16.79
C GLY D 67 1.76 -8.16 -16.37
N GLU D 68 0.76 -7.34 -16.66
CA GLU D 68 -0.62 -7.75 -16.45
C GLU D 68 -1.49 -6.93 -17.38
N LYS D 69 -2.76 -7.29 -17.52
CA LYS D 69 -3.54 -6.74 -18.62
C LYS D 69 -4.39 -5.51 -18.23
N PHE D 70 -4.17 -4.42 -18.96
CA PHE D 70 -4.99 -3.23 -18.83
C PHE D 70 -5.81 -3.07 -20.11
N GLY D 71 -6.69 -2.08 -20.14
CA GLY D 71 -7.56 -1.87 -21.28
C GLY D 71 -8.14 -0.47 -21.32
N LYS D 72 -9.30 -0.35 -21.98
CA LYS D 72 -9.98 0.92 -22.16
C LYS D 72 -10.49 1.48 -20.85
N ASP D 73 -10.74 0.58 -19.89
CA ASP D 73 -11.28 0.98 -18.59
C ASP D 73 -10.18 0.88 -17.55
N ALA D 74 -10.12 1.87 -16.67
CA ALA D 74 -9.06 1.93 -15.67
C ALA D 74 -9.14 0.70 -14.79
N ARG D 75 -7.98 0.19 -14.37
CA ARG D 75 -7.87 -0.88 -13.37
C ARG D 75 -6.66 -0.64 -12.48
N LYS D 76 -6.79 -1.01 -11.21
CA LYS D 76 -5.69 -0.83 -10.26
C LYS D 76 -4.49 -1.65 -10.68
N VAL D 77 -3.31 -1.17 -10.32
CA VAL D 77 -2.11 -1.94 -10.48
C VAL D 77 -2.08 -2.92 -9.33
N THR D 78 -1.95 -4.20 -9.63
CA THR D 78 -1.95 -5.20 -8.56
C THR D 78 -0.78 -4.96 -7.61
N GLY D 79 -1.08 -4.72 -6.33
CA GLY D 79 -0.05 -4.42 -5.36
C GLY D 79 -0.02 -2.96 -5.00
N MET D 80 -0.85 -2.16 -5.66
CA MET D 80 -1.03 -0.76 -5.32
C MET D 80 -2.53 -0.52 -5.04
N ASN D 81 -2.85 0.26 -4.02
CA ASN D 81 -4.24 0.63 -3.77
C ASN D 81 -4.57 1.89 -4.50
N ASN D 82 -3.51 2.51 -4.99
CA ASN D 82 -3.52 3.93 -5.14
C ASN D 82 -3.28 4.37 -6.59
N LEU D 83 -2.92 3.40 -7.42
CA LEU D 83 -2.50 3.67 -8.79
C LEU D 83 -3.25 2.78 -9.77
N SER D 84 -3.79 3.40 -10.82
CA SER D 84 -4.51 2.68 -11.87
C SER D 84 -3.92 2.95 -13.26
N CYS D 85 -4.10 2.00 -14.17
CA CYS D 85 -3.63 2.16 -15.55
C CYS D 85 -4.78 1.99 -16.53
N MET D 86 -4.65 2.66 -17.67
CA MET D 86 -5.62 2.60 -18.76
C MET D 86 -4.85 2.63 -20.08
N GLU D 87 -5.26 1.78 -21.01
CA GLU D 87 -4.74 1.81 -22.38
C GLU D 87 -5.92 2.00 -23.33
N ILE D 88 -6.09 3.24 -23.78
CA ILE D 88 -7.22 3.61 -24.62
C ILE D 88 -7.29 2.80 -25.94
N ASP D 89 -8.45 2.22 -26.20
CA ASP D 89 -8.68 1.38 -27.37
C ASP D 89 -9.67 2.03 -28.36
N PRO D 90 -9.15 2.75 -29.38
CA PRO D 90 -9.91 3.54 -30.35
C PRO D 90 -11.07 2.81 -31.03
N SER D 91 -10.79 1.72 -31.74
CA SER D 91 -11.88 0.96 -32.35
C SER D 91 -12.98 0.60 -31.34
N ALA D 92 -12.59 0.18 -30.13
CA ALA D 92 -13.54 -0.23 -29.10
C ALA D 92 -14.46 0.92 -28.70
N ALA D 93 -13.86 2.08 -28.49
CA ALA D 93 -14.63 3.28 -28.16
C ALA D 93 -15.59 3.63 -29.29
N LEU D 94 -15.10 3.61 -30.53
CA LEU D 94 -15.95 3.97 -31.65
C LEU D 94 -17.10 2.99 -31.79
N LYS D 95 -16.80 1.73 -31.57
CA LYS D 95 -17.80 0.68 -31.64
C LYS D 95 -18.93 0.90 -30.63
N ASP D 96 -18.59 1.24 -29.39
CA ASP D 96 -19.60 1.51 -28.37
C ASP D 96 -20.39 2.78 -28.67
N MET D 97 -19.72 3.82 -29.18
CA MET D 97 -20.43 5.02 -29.59
C MET D 97 -21.46 4.69 -30.68
N ASN D 98 -21.04 3.90 -31.67
CA ASN D 98 -21.92 3.52 -32.76
C ASN D 98 -23.10 2.68 -32.24
N ASP D 99 -22.80 1.73 -31.37
CA ASP D 99 -23.84 0.87 -30.78
C ASP D 99 -24.89 1.70 -30.04
N MET D 100 -24.44 2.66 -29.22
CA MET D 100 -25.39 3.45 -28.44
C MET D 100 -26.21 4.42 -29.30
N ALA D 101 -25.62 4.94 -30.37
CA ALA D 101 -26.36 5.79 -31.31
C ALA D 101 -27.48 5.00 -32.00
N VAL D 102 -27.16 3.79 -32.46
CA VAL D 102 -28.18 2.93 -33.09
C VAL D 102 -29.26 2.50 -32.11
N SER D 103 -28.86 2.19 -30.88
CA SER D 103 -29.77 1.53 -29.96
C SER D 103 -30.53 2.41 -28.96
N ARG D 104 -30.24 3.71 -28.90
CA ARG D 104 -31.31 4.61 -28.44
C ARG D 104 -31.39 5.93 -29.20
N GLY D 118 -27.76 9.24 -39.37
CA GLY D 118 -26.42 9.79 -39.47
C GLY D 118 -25.50 8.89 -40.28
N SER D 119 -25.30 9.24 -41.55
CA SER D 119 -24.57 8.39 -42.49
C SER D 119 -23.43 7.51 -41.94
N LEU D 120 -22.53 8.09 -41.14
CA LEU D 120 -21.39 7.34 -40.61
C LEU D 120 -21.79 6.29 -39.56
N LEU D 121 -22.96 6.50 -38.97
CA LEU D 121 -23.47 5.70 -37.86
C LEU D 121 -24.54 4.73 -38.34
N GLN D 122 -25.24 5.10 -39.40
CA GLN D 122 -26.43 4.40 -39.85
C GLN D 122 -26.18 2.92 -40.17
N GLY D 123 -25.06 2.66 -40.84
CA GLY D 123 -24.70 1.33 -41.27
C GLY D 123 -23.80 0.58 -40.30
N GLY D 124 -23.62 1.14 -39.10
CA GLY D 124 -22.92 0.46 -38.03
C GLY D 124 -21.44 0.32 -38.30
N ALA D 125 -20.92 1.13 -39.22
CA ALA D 125 -19.52 1.00 -39.62
C ALA D 125 -18.62 2.15 -39.13
N LEU D 126 -19.11 2.97 -38.22
CA LEU D 126 -18.30 4.08 -37.72
C LEU D 126 -16.86 3.66 -37.44
N ALA D 127 -16.69 2.58 -36.68
CA ALA D 127 -15.35 2.13 -36.29
C ALA D 127 -14.55 1.75 -37.53
N ASP D 128 -15.20 1.09 -38.47
CA ASP D 128 -14.55 0.65 -39.69
C ASP D 128 -14.14 1.83 -40.55
N LEU D 129 -15.01 2.84 -40.62
CA LEU D 129 -14.76 3.98 -41.48
C LEU D 129 -13.73 4.94 -40.86
N THR D 130 -13.65 4.96 -39.52
CA THR D 130 -12.94 6.02 -38.83
C THR D 130 -11.92 5.55 -37.80
N GLY D 131 -12.01 4.29 -37.39
CA GLY D 131 -11.08 3.75 -36.42
C GLY D 131 -9.63 3.75 -36.86
N SER D 132 -9.40 3.90 -38.16
CA SER D 132 -8.03 3.88 -38.65
C SER D 132 -7.55 5.20 -39.23
N ILE D 133 -8.36 6.24 -39.15
CA ILE D 133 -7.93 7.55 -39.66
C ILE D 133 -6.77 8.12 -38.83
N PRO D 134 -5.63 8.41 -39.48
CA PRO D 134 -4.53 8.98 -38.70
C PRO D 134 -5.03 10.22 -37.96
N GLY D 135 -4.73 10.29 -36.67
CA GLY D 135 -5.19 11.37 -35.83
C GLY D 135 -6.27 10.87 -34.88
N ILE D 136 -6.88 9.74 -35.20
CA ILE D 136 -7.96 9.22 -34.38
C ILE D 136 -7.50 8.93 -32.94
N ASP D 137 -6.26 8.47 -32.76
CA ASP D 137 -5.78 8.17 -31.39
C ASP D 137 -5.69 9.40 -30.51
N GLU D 138 -5.28 10.52 -31.11
CA GLU D 138 -5.15 11.78 -30.40
C GLU D 138 -6.53 12.33 -30.09
N ALA D 139 -7.46 12.08 -31.01
CA ALA D 139 -8.84 12.51 -30.84
C ALA D 139 -9.49 11.84 -29.65
N LEU D 140 -9.33 10.52 -29.56
CA LEU D 140 -9.93 9.77 -28.47
C LEU D 140 -9.19 9.99 -27.15
N SER D 141 -7.88 10.12 -27.22
CA SER D 141 -7.15 10.41 -26.01
C SER D 141 -7.68 11.75 -25.45
N PHE D 142 -7.96 12.70 -26.34
CA PHE D 142 -8.44 13.98 -25.91
C PHE D 142 -9.88 13.86 -25.33
N MET D 143 -10.73 13.03 -25.92
CA MET D 143 -12.07 12.79 -25.36
C MET D 143 -11.92 12.27 -23.94
N GLU D 144 -10.93 11.41 -23.76
CA GLU D 144 -10.71 10.81 -22.46
C GLU D 144 -10.35 11.89 -21.45
N VAL D 145 -9.48 12.80 -21.85
CA VAL D 145 -9.17 13.93 -21.00
C VAL D 145 -10.44 14.67 -20.59
N MET D 146 -11.28 15.03 -21.55
CA MET D 146 -12.45 15.84 -21.25
C MET D 146 -13.34 15.18 -20.21
N LYS D 147 -13.33 13.85 -20.17
CA LYS D 147 -14.21 13.15 -19.24
C LYS D 147 -13.77 13.33 -17.79
N HIS D 148 -12.46 13.38 -17.56
CA HIS D 148 -12.00 13.56 -16.19
C HIS D 148 -12.21 15.01 -15.79
N ILE D 149 -12.28 15.87 -16.79
CA ILE D 149 -12.65 17.25 -16.55
C ILE D 149 -14.10 17.29 -16.06
N LYS D 150 -15.01 16.78 -16.89
CA LYS D 150 -16.45 16.87 -16.61
C LYS D 150 -16.87 16.36 -15.23
N ARG D 151 -16.13 15.38 -14.71
CA ARG D 151 -16.43 14.86 -13.37
C ARG D 151 -15.17 14.80 -12.52
N PHE D 160 -10.25 10.23 -9.79
CA PHE D 160 -8.80 10.36 -9.84
C PHE D 160 -8.34 11.81 -9.61
N ASP D 161 -7.38 11.99 -8.71
CA ASP D 161 -6.84 13.29 -8.37
C ASP D 161 -5.80 13.76 -9.38
N THR D 162 -4.95 12.82 -9.80
CA THR D 162 -3.87 13.14 -10.70
C THR D 162 -3.77 12.12 -11.82
N VAL D 163 -3.53 12.61 -13.02
CA VAL D 163 -3.37 11.77 -14.19
C VAL D 163 -1.96 11.98 -14.77
N ILE D 164 -1.23 10.88 -14.91
CA ILE D 164 0.09 10.91 -15.54
C ILE D 164 -0.06 10.26 -16.91
N PHE D 165 0.41 10.95 -17.94
CA PHE D 165 0.28 10.43 -19.31
C PHE D 165 1.61 9.78 -19.73
N ASP D 166 1.55 8.50 -20.10
CA ASP D 166 2.66 7.80 -20.81
C ASP D 166 2.49 8.04 -22.30
N THR D 167 3.20 9.03 -22.85
CA THR D 167 2.83 9.52 -24.17
C THR D 167 3.50 8.77 -25.32
N ALA D 168 3.00 8.95 -26.53
CA ALA D 168 3.68 8.40 -27.69
C ALA D 168 4.95 9.20 -27.90
N PRO D 169 5.85 8.71 -28.75
CA PRO D 169 7.03 9.52 -29.05
C PRO D 169 6.72 10.94 -29.57
N THR D 170 7.70 11.80 -29.38
CA THR D 170 7.65 13.25 -29.60
C THR D 170 6.68 13.80 -30.66
N GLY D 171 6.85 13.36 -31.89
CA GLY D 171 6.15 14.01 -32.99
C GLY D 171 4.65 14.00 -32.80
N HIS D 172 4.10 12.85 -32.44
CA HIS D 172 2.64 12.77 -32.37
C HIS D 172 2.12 13.35 -31.05
N THR D 173 2.95 13.29 -30.02
CA THR D 173 2.60 13.91 -28.74
C THR D 173 2.51 15.43 -28.83
N LEU D 174 3.43 16.04 -29.59
CA LEU D 174 3.31 17.45 -29.92
C LEU D 174 1.91 17.74 -30.54
N ARG D 175 1.45 16.88 -31.46
CA ARG D 175 0.17 17.10 -32.11
C ARG D 175 -0.96 17.00 -31.08
N PHE D 176 -0.84 16.02 -30.20
CA PHE D 176 -1.79 15.88 -29.11
C PHE D 176 -1.84 17.18 -28.28
N LEU D 177 -0.68 17.71 -27.93
CA LEU D 177 -0.63 18.85 -27.02
C LEU D 177 -1.03 20.17 -27.67
N GLN D 178 -0.91 20.25 -29.00
CA GLN D 178 -1.40 21.39 -29.75
C GLN D 178 -2.92 21.34 -29.85
N LEU D 179 -3.53 20.20 -29.54
CA LEU D 179 -4.91 19.97 -29.94
C LEU D 179 -5.95 20.91 -29.31
N PRO D 180 -5.85 21.16 -27.99
CA PRO D 180 -6.88 22.01 -27.36
C PRO D 180 -6.81 23.41 -27.93
N ASN D 181 -5.58 23.88 -28.01
CA ASN D 181 -5.30 25.18 -28.59
C ASN D 181 -5.60 25.23 -30.11
N THR D 182 -5.43 24.12 -30.82
CA THR D 182 -5.81 24.04 -32.23
C THR D 182 -7.33 24.01 -32.40
N LEU D 183 -8.02 23.16 -31.65
CA LEU D 183 -9.50 23.11 -31.68
C LEU D 183 -10.14 24.46 -31.33
N SER D 184 -9.58 25.14 -30.33
CA SER D 184 -10.09 26.42 -29.90
C SER D 184 -10.14 27.42 -31.05
N LYS D 185 -9.16 27.35 -31.93
CA LYS D 185 -9.07 28.31 -33.05
C LYS D 185 -9.89 27.92 -34.28
N LEU D 186 -9.97 26.62 -34.58
CA LEU D 186 -10.84 26.16 -35.65
C LEU D 186 -12.29 26.44 -35.27
N LEU D 187 -12.66 26.04 -34.05
CA LEU D 187 -13.98 26.30 -33.49
C LEU D 187 -14.29 27.79 -33.48
N GLU D 188 -13.31 28.61 -33.13
CA GLU D 188 -13.48 30.06 -33.17
C GLU D 188 -14.01 30.44 -34.54
N LYS D 189 -13.64 29.67 -35.55
CA LYS D 189 -14.06 29.97 -36.91
C LYS D 189 -15.28 29.15 -37.33
N PHE D 190 -15.86 28.41 -36.38
CA PHE D 190 -17.13 27.76 -36.62
C PHE D 190 -18.05 28.85 -37.14
N GLY D 191 -17.93 30.03 -36.53
CA GLY D 191 -18.71 31.21 -36.90
C GLY D 191 -18.87 31.34 -38.41
N ILE D 212 -27.53 19.46 -32.66
CA ILE D 212 -26.20 18.90 -32.43
C ILE D 212 -25.14 20.01 -32.43
N SER D 213 -25.54 21.18 -32.92
CA SER D 213 -24.71 22.38 -32.82
C SER D 213 -24.37 22.61 -31.36
N GLY D 214 -25.22 22.08 -30.49
CA GLY D 214 -24.99 22.10 -29.06
C GLY D 214 -23.77 21.31 -28.60
N LYS D 215 -23.49 20.18 -29.25
CA LYS D 215 -22.35 19.34 -28.88
C LYS D 215 -21.08 20.08 -29.19
N LEU D 216 -21.10 20.75 -30.34
CA LEU D 216 -20.02 21.62 -30.77
C LEU D 216 -19.81 22.76 -29.78
N ASN D 217 -20.92 23.34 -29.31
CA ASN D 217 -20.84 24.35 -28.26
C ASN D 217 -20.21 23.83 -26.97
N GLU D 218 -20.66 22.66 -26.50
CA GLU D 218 -20.08 22.08 -25.30
C GLU D 218 -18.61 21.66 -25.50
N LEU D 219 -18.28 21.17 -26.69
CA LEU D 219 -16.89 20.82 -26.99
C LEU D 219 -16.03 22.07 -26.88
N LYS D 220 -16.48 23.14 -27.51
CA LYS D 220 -15.80 24.41 -27.42
C LYS D 220 -15.54 24.83 -25.96
N ALA D 221 -16.52 24.60 -25.08
CA ALA D 221 -16.37 24.94 -23.66
C ALA D 221 -15.36 24.01 -22.93
N ASN D 222 -15.43 22.72 -23.22
CA ASN D 222 -14.50 21.79 -22.59
C ASN D 222 -13.07 22.04 -23.08
N VAL D 223 -12.94 22.38 -24.35
CA VAL D 223 -11.63 22.68 -24.93
C VAL D 223 -10.98 23.83 -24.18
N GLU D 224 -11.78 24.88 -23.91
CA GLU D 224 -11.26 26.06 -23.25
C GLU D 224 -10.76 25.78 -21.84
N THR D 225 -11.45 24.95 -21.09
CA THR D 225 -10.97 24.69 -19.74
C THR D 225 -9.74 23.77 -19.75
N ILE D 226 -9.72 22.75 -20.61
CA ILE D 226 -8.50 21.96 -20.73
C ILE D 226 -7.35 22.87 -21.11
N ARG D 227 -7.56 23.67 -22.15
CA ARG D 227 -6.54 24.59 -22.60
C ARG D 227 -6.06 25.49 -21.44
N GLN D 228 -7.01 25.86 -20.58
CA GLN D 228 -6.72 26.67 -19.41
C GLN D 228 -5.81 25.90 -18.44
N GLN D 229 -6.19 24.66 -18.16
CA GLN D 229 -5.49 23.87 -17.17
C GLN D 229 -4.08 23.44 -17.62
N PHE D 230 -3.93 23.10 -18.90
CA PHE D 230 -2.62 22.66 -19.43
C PHE D 230 -1.60 23.81 -19.46
N THR D 231 -2.06 25.06 -19.38
CA THR D 231 -1.11 26.17 -19.41
C THR D 231 -0.89 26.74 -18.01
N ASP D 232 -1.43 26.02 -17.03
CA ASP D 232 -1.29 26.41 -15.64
C ASP D 232 -0.15 25.64 -15.02
N PRO D 233 0.93 26.36 -14.68
CA PRO D 233 2.16 25.63 -14.32
C PRO D 233 2.00 24.89 -13.00
N ASP D 234 0.97 25.22 -12.23
CA ASP D 234 0.68 24.51 -10.97
C ASP D 234 -0.15 23.22 -11.16
N LEU D 235 -0.87 23.10 -12.27
CA LEU D 235 -1.77 21.95 -12.50
C LEU D 235 -1.16 20.94 -13.48
N THR D 236 -0.26 21.40 -14.33
CA THR D 236 0.28 20.52 -15.35
C THR D 236 1.72 20.85 -15.65
N THR D 237 2.48 19.80 -15.92
CA THR D 237 3.86 19.96 -16.27
C THR D 237 4.25 18.81 -17.20
N PHE D 238 5.30 19.03 -17.99
CA PHE D 238 5.78 18.02 -18.92
C PHE D 238 7.18 17.59 -18.46
N VAL D 239 7.34 16.31 -18.16
CA VAL D 239 8.67 15.75 -17.85
C VAL D 239 9.31 15.15 -19.10
N CYS D 240 10.42 15.73 -19.54
CA CYS D 240 11.08 15.19 -20.73
C CYS D 240 11.97 13.99 -20.33
N VAL D 241 12.02 13.01 -21.20
CA VAL D 241 12.94 11.86 -21.01
C VAL D 241 13.85 11.80 -22.22
N CYS D 242 15.11 11.42 -22.02
CA CYS D 242 16.05 11.33 -23.12
C CYS D 242 17.20 10.35 -22.81
N ILE D 243 17.97 10.03 -23.83
CA ILE D 243 19.25 9.33 -23.61
C ILE D 243 20.35 10.29 -24.04
N SER D 244 21.58 10.05 -23.57
CA SER D 244 22.64 11.02 -23.80
C SER D 244 23.36 10.70 -25.12
N GLU D 245 22.64 10.93 -26.22
CA GLU D 245 23.11 10.68 -27.58
C GLU D 245 22.63 11.86 -28.48
N PHE D 246 23.30 12.10 -29.59
CA PHE D 246 23.01 13.28 -30.42
C PHE D 246 21.52 13.34 -30.82
N LEU D 247 21.01 12.27 -31.43
CA LEU D 247 19.62 12.31 -31.93
C LEU D 247 18.63 12.62 -30.81
N SER D 248 18.73 11.93 -29.68
CA SER D 248 17.84 12.21 -28.57
C SER D 248 18.00 13.64 -28.00
N LEU D 249 19.22 14.07 -27.74
CA LEU D 249 19.45 15.41 -27.23
C LEU D 249 18.84 16.52 -28.10
N TYR D 250 19.06 16.46 -29.39
CA TYR D 250 18.59 17.52 -30.25
C TYR D 250 17.09 17.42 -30.46
N GLU D 251 16.55 16.21 -30.51
CA GLU D 251 15.09 16.07 -30.54
C GLU D 251 14.48 16.69 -29.28
N THR D 252 15.05 16.40 -28.11
CA THR D 252 14.57 16.92 -26.85
C THR D 252 14.64 18.46 -26.83
N GLU D 253 15.76 19.01 -27.30
CA GLU D 253 15.92 20.46 -27.33
C GLU D 253 14.81 21.10 -28.18
N ARG D 254 14.51 20.49 -29.33
CA ARG D 254 13.46 21.00 -30.21
C ARG D 254 12.07 20.84 -29.55
N LEU D 255 11.85 19.70 -28.91
CA LEU D 255 10.60 19.47 -28.22
C LEU D 255 10.33 20.52 -27.14
N ILE D 256 11.34 20.81 -26.33
CA ILE D 256 11.17 21.74 -25.23
C ILE D 256 10.91 23.15 -25.73
N GLN D 257 11.53 23.50 -26.85
CA GLN D 257 11.30 24.81 -27.44
C GLN D 257 9.86 24.90 -27.94
N GLU D 258 9.33 23.78 -28.43
CA GLU D 258 7.94 23.71 -28.91
C GLU D 258 6.96 23.87 -27.74
N LEU D 259 7.18 23.10 -26.68
CA LEU D 259 6.33 23.17 -25.49
C LEU D 259 6.26 24.57 -24.87
N ILE D 260 7.41 25.24 -24.78
CA ILE D 260 7.48 26.59 -24.23
C ILE D 260 6.62 27.55 -25.04
N SER D 261 6.59 27.36 -26.35
CA SER D 261 5.76 28.18 -27.19
C SER D 261 4.27 27.82 -27.02
N TYR D 262 3.96 26.60 -26.55
CA TYR D 262 2.58 26.27 -26.22
C TYR D 262 2.24 26.65 -24.78
N ASP D 263 3.10 27.41 -24.12
CA ASP D 263 2.86 27.80 -22.72
C ASP D 263 2.63 26.60 -21.79
N MET D 264 3.19 25.45 -22.16
CA MET D 264 3.20 24.28 -21.29
C MET D 264 4.45 24.33 -20.42
N ASP D 265 4.32 23.99 -19.13
CA ASP D 265 5.44 24.06 -18.21
C ASP D 265 6.32 22.84 -18.39
N VAL D 266 7.61 23.08 -18.55
CA VAL D 266 8.58 22.00 -18.58
C VAL D 266 9.80 22.48 -17.82
N ASN D 267 10.07 21.83 -16.70
CA ASN D 267 11.25 22.20 -15.91
C ASN D 267 12.10 21.00 -15.49
N SER D 268 11.91 19.88 -16.16
CA SER D 268 12.50 18.62 -15.73
C SER D 268 12.95 17.80 -16.93
N ILE D 269 14.14 17.20 -16.85
CA ILE D 269 14.60 16.28 -17.86
C ILE D 269 15.20 15.06 -17.15
N ILE D 270 14.73 13.89 -17.55
CA ILE D 270 15.30 12.65 -17.06
C ILE D 270 16.24 12.16 -18.11
N VAL D 271 17.52 12.02 -17.74
CA VAL D 271 18.51 11.48 -18.67
C VAL D 271 18.71 10.00 -18.32
N ASN D 272 18.21 9.12 -19.16
CA ASN D 272 18.09 7.70 -18.80
C ASN D 272 19.19 6.85 -19.45
N GLN D 273 19.34 5.60 -18.99
CA GLN D 273 20.24 4.62 -19.65
C GLN D 273 21.74 4.96 -19.51
N LEU D 274 22.10 5.70 -18.44
CA LEU D 274 23.48 6.16 -18.32
C LEU D 274 24.36 5.03 -17.81
N LEU D 275 25.59 4.95 -18.32
CA LEU D 275 26.53 3.88 -17.98
C LEU D 275 27.36 4.15 -16.73
N PHE D 276 27.71 5.43 -16.51
CA PHE D 276 28.55 5.83 -15.38
C PHE D 276 29.84 4.99 -15.32
N ALA D 277 30.50 4.81 -16.47
CA ALA D 277 31.61 3.84 -16.57
C ALA D 277 32.86 4.17 -15.74
N GLU D 278 33.00 5.39 -15.25
CA GLU D 278 34.20 5.69 -14.44
C GLU D 278 34.03 5.19 -13.01
N ASN D 279 32.81 4.81 -12.67
CA ASN D 279 32.56 4.11 -11.41
C ASN D 279 32.78 2.61 -11.64
N ASP D 280 33.67 1.99 -10.86
CA ASP D 280 34.03 0.58 -11.09
C ASP D 280 34.82 0.42 -12.39
N GLN D 281 35.31 -0.79 -12.65
CA GLN D 281 36.00 -1.13 -13.90
C GLN D 281 36.08 -2.65 -14.09
N CYS D 285 35.67 -2.98 -19.63
CA CYS D 285 34.89 -3.21 -20.85
C CYS D 285 35.07 -2.06 -21.83
N LYS D 286 35.73 -2.34 -22.93
CA LYS D 286 36.05 -1.31 -23.91
C LYS D 286 34.79 -0.64 -24.44
N ARG D 287 33.77 -1.42 -24.78
CA ARG D 287 32.52 -0.86 -25.32
C ARG D 287 31.89 0.15 -24.34
N CYS D 288 31.74 -0.26 -23.09
CA CYS D 288 31.19 0.63 -22.07
C CYS D 288 31.99 1.90 -21.85
N GLN D 289 33.32 1.77 -21.75
CA GLN D 289 34.13 2.97 -21.62
C GLN D 289 33.96 3.93 -22.81
N ALA D 290 33.96 3.42 -24.03
CA ALA D 290 33.82 4.30 -25.18
C ALA D 290 32.42 4.93 -25.17
N ARG D 291 31.40 4.11 -24.91
CA ARG D 291 30.03 4.63 -24.91
C ARG D 291 29.83 5.68 -23.81
N TRP D 292 30.52 5.51 -22.68
CA TRP D 292 30.38 6.45 -21.58
C TRP D 292 31.01 7.76 -22.00
N LYS D 293 32.18 7.68 -22.64
CA LYS D 293 32.79 8.90 -23.18
C LYS D 293 31.73 9.67 -24.03
N MET D 294 31.09 9.01 -24.98
CA MET D 294 30.00 9.65 -25.73
C MET D 294 28.94 10.28 -24.81
N GLN D 295 28.42 9.49 -23.88
CA GLN D 295 27.32 9.97 -23.05
C GLN D 295 27.70 11.21 -22.23
N LYS D 296 28.90 11.15 -21.64
CA LYS D 296 29.37 12.21 -20.78
C LYS D 296 29.52 13.49 -21.57
N LYS D 297 29.89 13.36 -22.84
CA LYS D 297 29.99 14.51 -23.72
C LYS D 297 28.63 15.22 -23.79
N TYR D 298 27.59 14.47 -24.12
CA TYR D 298 26.26 15.07 -24.20
C TYR D 298 25.71 15.52 -22.84
N LEU D 299 26.09 14.85 -21.76
CA LEU D 299 25.65 15.23 -20.40
C LEU D 299 26.15 16.60 -19.99
N ASP D 300 27.44 16.85 -20.25
CA ASP D 300 28.02 18.16 -20.00
C ASP D 300 27.23 19.26 -20.75
N GLN D 301 26.77 18.95 -21.96
CA GLN D 301 25.95 19.91 -22.70
C GLN D 301 24.56 20.08 -22.08
N ILE D 302 24.01 19.00 -21.56
CA ILE D 302 22.67 19.05 -20.97
C ILE D 302 22.72 19.85 -19.67
N ASP D 303 23.77 19.64 -18.87
CA ASP D 303 23.90 20.33 -17.60
C ASP D 303 24.04 21.85 -17.79
N GLU D 304 24.75 22.24 -18.84
CA GLU D 304 24.92 23.64 -19.19
C GLU D 304 23.60 24.24 -19.69
N LEU D 305 23.07 23.60 -20.72
CA LEU D 305 21.86 24.04 -21.41
C LEU D 305 20.64 24.12 -20.48
N TYR D 306 20.50 23.14 -19.59
CA TYR D 306 19.34 23.04 -18.73
C TYR D 306 19.72 23.24 -17.26
N GLU D 307 20.53 24.27 -17.03
CA GLU D 307 21.00 24.58 -15.69
C GLU D 307 19.85 24.88 -14.74
N ASP D 308 18.76 25.43 -15.27
CA ASP D 308 17.61 25.82 -14.44
C ASP D 308 16.51 24.76 -14.39
N PHE D 309 16.78 23.58 -14.94
CA PHE D 309 15.87 22.45 -14.90
C PHE D 309 16.32 21.48 -13.82
N HIS D 310 15.40 20.64 -13.34
CA HIS D 310 15.80 19.45 -12.60
C HIS D 310 16.29 18.45 -13.61
N VAL D 311 17.59 18.20 -13.63
CA VAL D 311 18.03 17.14 -14.53
C VAL D 311 18.36 15.91 -13.71
N VAL D 312 17.66 14.84 -14.03
CA VAL D 312 17.64 13.64 -13.19
C VAL D 312 18.33 12.49 -13.93
N LYS D 313 19.44 12.01 -13.38
CA LYS D 313 20.27 11.03 -14.09
C LYS D 313 19.97 9.61 -13.65
N MET D 314 19.67 8.75 -14.59
CA MET D 314 19.28 7.40 -14.23
C MET D 314 20.21 6.39 -14.91
N PRO D 315 20.58 5.33 -14.19
CA PRO D 315 21.53 4.32 -14.70
C PRO D 315 20.90 3.29 -15.64
N LEU D 316 21.66 2.86 -16.64
CA LEU D 316 21.29 1.67 -17.38
C LEU D 316 21.38 0.50 -16.41
N CYS D 317 20.29 -0.24 -16.26
CA CYS D 317 20.29 -1.40 -15.38
C CYS D 317 20.73 -2.66 -16.13
N ALA D 318 21.09 -3.69 -15.35
CA ALA D 318 21.63 -4.92 -15.91
C ALA D 318 20.55 -5.85 -16.51
N GLY D 319 19.38 -5.29 -16.78
CA GLY D 319 18.32 -6.04 -17.41
C GLY D 319 17.18 -5.07 -17.67
N GLU D 320 16.11 -5.53 -18.30
CA GLU D 320 14.96 -4.67 -18.56
C GLU D 320 14.28 -4.44 -17.21
N ILE D 321 13.44 -3.43 -17.11
CA ILE D 321 12.86 -3.09 -15.83
C ILE D 321 11.36 -3.36 -15.88
N ARG D 322 10.92 -4.53 -15.44
CA ARG D 322 9.51 -4.90 -15.57
C ARG D 322 8.96 -5.44 -14.26
N GLY D 323 7.68 -5.15 -14.00
CA GLY D 323 7.05 -5.61 -12.77
C GLY D 323 7.12 -4.55 -11.68
N LEU D 324 6.13 -4.57 -10.79
CA LEU D 324 6.00 -3.56 -9.76
C LEU D 324 7.28 -3.42 -8.95
N ASN D 325 7.85 -4.55 -8.51
CA ASN D 325 9.07 -4.52 -7.72
C ASN D 325 10.27 -3.82 -8.40
N ASN D 326 10.60 -4.24 -9.61
CA ASN D 326 11.72 -3.61 -10.33
C ASN D 326 11.48 -2.14 -10.67
N LEU D 327 10.27 -1.80 -11.11
CA LEU D 327 9.95 -0.38 -11.35
C LEU D 327 10.04 0.45 -10.07
N THR D 328 9.56 -0.10 -8.97
CA THR D 328 9.61 0.61 -7.70
C THR D 328 11.06 0.85 -7.28
N LYS D 329 11.88 -0.20 -7.36
CA LYS D 329 13.31 -0.10 -7.09
C LYS D 329 13.99 0.98 -7.96
N PHE D 330 13.70 0.97 -9.25
CA PHE D 330 14.29 1.92 -10.17
C PHE D 330 13.80 3.31 -9.82
N SER D 331 12.55 3.40 -9.36
CA SER D 331 11.90 4.69 -9.19
C SER D 331 12.44 5.48 -8.00
N GLN D 332 13.12 4.83 -7.06
CA GLN D 332 13.57 5.58 -5.89
C GLN D 332 14.54 6.67 -6.35
N PHE D 333 15.20 6.45 -7.48
CA PHE D 333 16.19 7.42 -7.98
C PHE D 333 15.61 8.67 -8.68
N LEU D 334 14.30 8.70 -8.90
CA LEU D 334 13.62 9.94 -9.29
C LEU D 334 13.41 10.86 -8.09
N ASN D 335 13.31 10.26 -6.91
CA ASN D 335 12.98 11.01 -5.69
C ASN D 335 14.26 11.49 -5.00
N LYS D 336 15.22 10.58 -4.87
CA LYS D 336 16.54 10.93 -4.35
C LYS D 336 17.59 10.50 -5.35
N GLU D 337 18.48 11.42 -5.69
CA GLU D 337 19.39 11.23 -6.84
C GLU D 337 20.32 10.01 -6.74
N TYR D 338 20.47 9.31 -7.85
CA TYR D 338 21.36 8.13 -7.95
C TYR D 338 22.80 8.49 -7.68
N ASN D 339 23.48 7.70 -6.86
CA ASN D 339 24.89 7.96 -6.66
C ASN D 339 25.70 6.71 -6.98
N PRO D 340 26.39 6.72 -8.13
CA PRO D 340 27.05 5.52 -8.66
C PRO D 340 28.07 4.94 -7.68
N ILE D 341 28.66 5.78 -6.83
CA ILE D 341 29.64 5.28 -5.88
C ILE D 341 28.96 4.35 -4.86
N THR D 342 27.80 4.78 -4.39
CA THR D 342 27.13 4.12 -3.28
C THR D 342 25.98 3.21 -3.72
N ASP D 343 25.38 3.54 -4.84
CA ASP D 343 24.12 2.90 -5.24
C ASP D 343 24.35 1.90 -6.34
N GLY D 344 25.60 1.82 -6.79
CA GLY D 344 25.95 1.05 -7.97
C GLY D 344 25.38 -0.35 -7.98
N LYS D 345 25.40 -1.01 -6.82
CA LYS D 345 24.93 -2.39 -6.72
C LYS D 345 23.49 -2.54 -7.20
N VAL D 346 22.69 -1.48 -7.09
CA VAL D 346 21.27 -1.59 -7.46
C VAL D 346 21.01 -2.06 -8.90
N ILE D 347 21.92 -1.77 -9.82
CA ILE D 347 21.67 -2.15 -11.21
C ILE D 347 21.65 -3.68 -11.40
N TYR D 348 22.24 -4.41 -10.44
CA TYR D 348 22.24 -5.88 -10.47
C TYR D 348 21.17 -6.49 -9.58
N GLU D 349 20.28 -5.66 -9.06
CA GLU D 349 19.36 -6.13 -8.01
C GLU D 349 17.95 -6.36 -8.50
N LEU D 350 17.80 -6.39 -9.82
CA LEU D 350 16.49 -6.58 -10.43
C LEU D 350 16.02 -8.03 -10.29
N GLU D 351 14.75 -8.21 -9.93
CA GLU D 351 14.17 -9.55 -9.84
C GLU D 351 13.82 -10.06 -11.24
N ASP D 352 13.72 -11.37 -11.38
CA ASP D 352 13.37 -11.93 -12.68
C ASP D 352 11.86 -11.95 -12.92
#